data_2JF6
#
_entry.id   2JF6
#
_cell.length_a   159.000
_cell.length_b   159.000
_cell.length_c   102.900
_cell.angle_alpha   90.00
_cell.angle_beta   90.00
_cell.angle_gamma   90.00
#
_symmetry.space_group_name_H-M   'P 4 21 2'
#
loop_
_entity.id
_entity.type
_entity.pdbx_description
1 polymer STRICTOSIDINE-O-BETA-D-GLUCOSIDASE
2 non-polymer 'METHYL (2S,3R,4S)-3-ETHYL-2-(BETA-D-GLUCOPYRANOSYLOXY)-4-[(1S)-2,3,4,9-TETRAHYDRO-1H-BETA-CARBOLIN-1-YLMETHYL]-3,4-DIHYDRO-2H-PYRAN-5-CARBOXYLATE'
3 water water
#
_entity_poly.entity_id   1
_entity_poly.type   'polypeptide(L)'
_entity_poly.pdbx_seq_one_letter_code
;MDNTQAEPLVVAIVPKPNASTEHTNSHLIPVTRSKIVVHRRDFPQDFIFGAGGSAYQCEGAYNEGNRGPSIWDTFTQRSP
AKISDGSNGNQAINCYHMYKEDIKIMKQTGLESYRFSISWSRVLPGGRLAAGVNKDGVKFYHDFIDELLANGIKPSVTLF
HWDLPQALEDEYGGFLSHRIVDDFCEYAEFCFWEFGDKIKYWTTFNEPHTFAVNGYALGEFAPGRGGKGDEGDPAIEPYV
VTHNILLAHKAAVEEYRNKFQKCQEGEIGIVLNSMWMEPLSDVQADIDAQKRALDFMLGWFLEPLTTGDYPKSMRELVKG
RLPKFSADDSEKLKGCYDFIGMNYYTATYVTNAVKSNSEKLSYETDDQVTKTFERNQKPIGHALYGGWQHVVPWGLYKLL
VYTKETYHVPVLYVTESGMVEENKTKILLSEARRDAERTDYHQKHLASVRDAIDDGVNVKGYFVWSFFDNFEWNLGYICR
YGIIHVDYKSFERYPKESAIWYKNFIAGKSTTSPAKRRREEAQVELVKRQKT
;
_entity_poly.pdbx_strand_id   A,B
#
# COMPACT_ATOMS: atom_id res chain seq x y z
N VAL A 37 -12.25 6.07 -49.45
CA VAL A 37 -13.03 4.99 -50.13
C VAL A 37 -13.23 3.77 -49.21
N VAL A 38 -14.27 3.81 -48.35
CA VAL A 38 -14.65 2.66 -47.50
C VAL A 38 -15.81 3.04 -46.59
N HIS A 39 -16.89 2.27 -46.63
CA HIS A 39 -18.11 2.63 -45.90
C HIS A 39 -18.56 1.56 -44.90
N ARG A 40 -19.57 1.94 -44.12
CA ARG A 40 -20.11 1.08 -43.06
C ARG A 40 -20.53 -0.22 -43.67
N ARG A 41 -21.27 -0.10 -44.77
CA ARG A 41 -21.90 -1.20 -45.47
C ARG A 41 -20.96 -2.36 -45.80
N ASP A 42 -19.69 -2.07 -46.09
CA ASP A 42 -18.69 -3.10 -46.44
C ASP A 42 -18.40 -4.08 -45.29
N PHE A 43 -19.17 -3.98 -44.22
CA PHE A 43 -18.87 -4.73 -43.05
C PHE A 43 -20.15 -5.39 -42.64
N PRO A 44 -20.05 -6.57 -42.03
CA PRO A 44 -21.15 -7.35 -41.49
C PRO A 44 -22.19 -6.51 -40.78
N GLN A 45 -23.45 -6.92 -40.85
CA GLN A 45 -24.48 -6.24 -40.08
C GLN A 45 -24.10 -6.17 -38.60
N ASP A 46 -23.42 -7.20 -38.08
CA ASP A 46 -23.20 -7.32 -36.62
C ASP A 46 -21.88 -6.71 -36.07
N PHE A 47 -20.96 -6.40 -36.99
CA PHE A 47 -19.67 -5.81 -36.65
C PHE A 47 -19.82 -4.63 -35.70
N ILE A 48 -19.02 -4.55 -34.65
CA ILE A 48 -19.11 -3.47 -33.67
C ILE A 48 -18.08 -2.35 -33.89
N PHE A 49 -18.53 -1.11 -33.90
CA PHE A 49 -17.56 -0.03 -33.96
C PHE A 49 -17.31 0.66 -32.61
N GLY A 50 -16.04 0.76 -32.21
CA GLY A 50 -15.76 1.30 -30.89
C GLY A 50 -14.48 2.06 -30.71
N ALA A 51 -14.19 2.40 -29.47
CA ALA A 51 -12.91 3.03 -29.12
C ALA A 51 -12.62 2.69 -27.67
N GLY A 52 -11.41 2.99 -27.22
CA GLY A 52 -11.04 2.65 -25.87
C GLY A 52 -10.24 3.66 -25.05
N GLY A 53 -10.13 3.34 -23.75
CA GLY A 53 -9.22 3.96 -22.79
C GLY A 53 -8.72 2.86 -21.84
N SER A 54 -8.21 3.28 -20.68
CA SER A 54 -7.57 2.40 -19.75
C SER A 54 -7.35 3.09 -18.41
N ALA A 55 -8.00 2.60 -17.37
CA ALA A 55 -7.81 3.14 -16.02
C ALA A 55 -6.63 4.11 -15.82
N TYR A 56 -5.39 3.61 -15.83
CA TYR A 56 -4.28 4.44 -15.38
C TYR A 56 -4.11 5.64 -16.28
N GLN A 57 -4.40 5.43 -17.55
CA GLN A 57 -4.14 6.43 -18.55
C GLN A 57 -5.25 7.49 -18.59
N CYS A 58 -6.34 7.24 -17.89
CA CYS A 58 -7.53 8.07 -18.01
C CYS A 58 -8.06 8.57 -16.70
N GLU A 59 -8.34 7.64 -15.80
CA GLU A 59 -9.14 7.95 -14.64
C GLU A 59 -8.54 9.07 -13.82
N GLY A 60 -7.23 9.07 -13.65
CA GLY A 60 -6.61 10.01 -12.73
C GLY A 60 -7.24 9.73 -11.39
N ALA A 61 -7.11 10.70 -10.48
CA ALA A 61 -7.63 10.58 -9.11
C ALA A 61 -7.05 9.37 -8.45
N TYR A 62 -5.73 9.20 -8.66
CA TYR A 62 -4.98 8.04 -8.16
C TYR A 62 -5.19 7.81 -6.63
N ASN A 63 -5.35 8.92 -5.91
CA ASN A 63 -5.38 8.95 -4.45
C ASN A 63 -6.70 9.51 -3.87
N GLU A 64 -7.78 9.35 -4.63
CA GLU A 64 -9.05 9.84 -4.18
C GLU A 64 -10.01 8.68 -4.27
N GLY A 65 -11.08 8.73 -3.50
CA GLY A 65 -12.08 7.70 -3.55
C GLY A 65 -11.44 6.39 -3.13
N ASN A 66 -10.42 6.52 -2.31
CA ASN A 66 -9.84 5.39 -1.57
C ASN A 66 -9.13 4.35 -2.38
N ARG A 67 -8.63 4.72 -3.56
CA ARG A 67 -7.96 3.80 -4.46
C ARG A 67 -6.61 3.45 -3.92
N GLY A 68 -6.24 2.17 -4.03
CA GLY A 68 -4.89 1.74 -3.66
C GLY A 68 -3.88 1.84 -4.81
N PRO A 69 -2.65 2.27 -4.49
CA PRO A 69 -1.64 2.53 -5.53
C PRO A 69 -1.38 1.29 -6.36
N SER A 70 -1.18 1.47 -7.67
CA SER A 70 -0.72 0.39 -8.56
C SER A 70 0.75 0.51 -8.75
N ILE A 71 1.39 -0.47 -9.38
CA ILE A 71 2.83 -0.33 -9.70
C ILE A 71 3.07 0.85 -10.59
N TRP A 72 2.07 1.20 -11.40
CA TRP A 72 2.26 2.30 -12.33
C TRP A 72 2.26 3.66 -11.68
N ASP A 73 1.61 3.81 -10.52
CA ASP A 73 1.79 5.04 -9.73
C ASP A 73 3.24 5.13 -9.27
N THR A 74 3.58 4.20 -8.39
CA THR A 74 4.93 3.89 -7.93
C THR A 74 6.04 4.01 -8.95
N PHE A 75 5.90 3.34 -10.07
CA PHE A 75 6.91 3.46 -11.10
C PHE A 75 7.10 4.94 -11.32
N THR A 76 5.98 5.63 -11.58
CA THR A 76 5.98 6.97 -12.15
C THR A 76 6.34 8.04 -11.13
N GLN A 77 6.32 7.63 -9.87
CA GLN A 77 6.52 8.55 -8.78
C GLN A 77 7.91 8.40 -8.23
N ARG A 78 8.30 7.16 -7.98
CA ARG A 78 9.64 6.87 -7.51
C ARG A 78 10.69 6.94 -8.63
N SER A 79 10.25 6.64 -9.86
CA SER A 79 11.13 6.57 -11.02
C SER A 79 10.68 7.50 -12.15
N PRO A 80 10.68 8.81 -11.92
CA PRO A 80 10.04 9.62 -12.93
C PRO A 80 11.03 10.06 -14.01
N ALA A 81 12.29 9.68 -13.86
CA ALA A 81 13.31 9.96 -14.87
C ALA A 81 13.21 8.94 -16.00
N LYS A 82 12.32 7.97 -15.84
CA LYS A 82 12.14 6.90 -16.82
C LYS A 82 10.92 7.22 -17.67
N ILE A 83 10.37 8.41 -17.44
CA ILE A 83 9.19 8.92 -18.15
C ILE A 83 9.70 10.07 -18.99
N SER A 84 9.31 10.08 -20.25
CA SER A 84 9.88 11.01 -21.20
C SER A 84 9.87 12.47 -20.73
N ASP A 85 8.77 12.86 -20.09
CA ASP A 85 8.61 14.24 -19.65
C ASP A 85 8.39 14.30 -18.14
N GLY A 86 8.62 13.18 -17.47
CA GLY A 86 8.63 13.11 -16.01
C GLY A 86 7.28 13.03 -15.36
N SER A 87 6.23 12.89 -16.16
CA SER A 87 4.86 13.01 -15.68
C SER A 87 4.26 11.71 -15.16
N ASN A 88 2.98 11.73 -14.79
CA ASN A 88 2.28 10.60 -14.17
C ASN A 88 0.75 10.54 -14.37
N GLY A 89 0.17 9.36 -14.18
CA GLY A 89 -1.26 9.20 -14.24
C GLY A 89 -2.06 9.67 -13.03
N ASN A 90 -1.44 10.48 -12.18
CA ASN A 90 -2.08 11.01 -11.00
C ASN A 90 -3.42 11.70 -11.31
N GLN A 91 -3.38 12.62 -12.28
CA GLN A 91 -4.58 13.23 -12.85
C GLN A 91 -4.76 12.74 -14.29
N ILE A 93 -6.01 12.42 -17.42
CA ILE A 93 -7.08 13.22 -18.03
C ILE A 93 -8.43 13.15 -17.30
N ASN A 94 -8.41 12.71 -16.05
CA ASN A 94 -9.48 12.99 -15.11
C ASN A 94 -10.83 12.41 -15.46
N CYS A 95 -10.84 11.29 -16.19
CA CYS A 95 -12.11 10.65 -16.53
C CYS A 95 -12.90 10.22 -15.30
N TYR A 96 -12.23 10.21 -14.14
CA TYR A 96 -12.85 9.73 -12.92
C TYR A 96 -13.88 10.71 -12.41
N HIS A 97 -13.73 11.97 -12.75
CA HIS A 97 -14.69 12.92 -12.27
C HIS A 97 -15.59 13.25 -13.37
N MET A 98 -15.08 13.15 -14.58
CA MET A 98 -15.81 13.69 -15.69
C MET A 98 -16.53 12.65 -16.55
N TYR A 99 -16.81 11.48 -15.99
CA TYR A 99 -17.38 10.42 -16.83
C TYR A 99 -18.67 10.86 -17.58
N LYS A 100 -19.61 11.45 -16.85
CA LYS A 100 -20.90 11.79 -17.43
C LYS A 100 -20.69 12.60 -18.70
N GLU A 101 -19.74 13.52 -18.65
CA GLU A 101 -19.39 14.30 -19.82
C GLU A 101 -18.81 13.42 -20.93
N ASP A 102 -17.84 12.57 -20.56
CA ASP A 102 -17.15 11.71 -21.51
C ASP A 102 -18.17 10.82 -22.28
N ILE A 103 -19.19 10.37 -21.57
CA ILE A 103 -20.15 9.48 -22.16
C ILE A 103 -20.99 10.28 -23.10
N LYS A 104 -21.18 11.56 -22.80
CA LYS A 104 -21.85 12.40 -23.78
C LYS A 104 -21.04 12.38 -25.07
N ILE A 105 -19.75 12.66 -24.95
CA ILE A 105 -18.89 12.77 -26.13
C ILE A 105 -18.85 11.47 -26.93
N MET A 106 -18.79 10.36 -26.21
CA MET A 106 -18.91 9.05 -26.81
C MET A 106 -20.17 9.00 -27.71
N LYS A 107 -21.30 9.42 -27.16
CA LYS A 107 -22.58 9.27 -27.83
C LYS A 107 -22.75 10.22 -28.94
N GLN A 108 -22.17 11.41 -28.82
CA GLN A 108 -22.08 12.32 -29.97
C GLN A 108 -21.30 11.60 -31.09
N THR A 109 -20.08 11.13 -30.76
CA THR A 109 -19.27 10.42 -31.73
C THR A 109 -20.00 9.19 -32.32
N GLY A 110 -20.87 8.56 -31.53
CA GLY A 110 -21.77 7.51 -32.02
C GLY A 110 -21.24 6.11 -31.72
N LEU A 111 -20.27 6.05 -30.83
CA LEU A 111 -19.66 4.78 -30.45
C LEU A 111 -20.73 3.74 -30.11
N GLU A 112 -20.57 2.56 -30.69
CA GLU A 112 -21.45 1.44 -30.41
C GLU A 112 -21.07 0.76 -29.10
N SER A 113 -19.79 0.83 -28.77
CA SER A 113 -19.27 0.29 -27.54
C SER A 113 -18.02 1.06 -27.21
N TYR A 114 -17.75 1.22 -25.90
CA TYR A 114 -16.46 1.74 -25.41
C TYR A 114 -15.71 0.69 -24.56
N ARG A 115 -14.38 0.69 -24.68
CA ARG A 115 -13.58 -0.29 -23.99
C ARG A 115 -12.75 0.41 -22.94
N PHE A 116 -13.06 0.12 -21.69
CA PHE A 116 -12.33 0.63 -20.54
C PHE A 116 -11.83 -0.54 -19.69
N SER A 117 -11.19 -0.18 -18.58
CA SER A 117 -10.55 -1.16 -17.73
C SER A 117 -10.82 -0.83 -16.27
N ILE A 118 -10.98 -1.86 -15.44
CA ILE A 118 -11.09 -1.61 -14.02
C ILE A 118 -9.68 -1.55 -13.46
N SER A 119 -9.38 -0.45 -12.75
CA SER A 119 -8.21 -0.41 -11.90
C SER A 119 -8.44 -1.42 -10.77
N TRP A 120 -7.74 -2.55 -10.88
CA TRP A 120 -7.85 -3.63 -9.90
C TRP A 120 -7.74 -3.03 -8.52
N SER A 121 -6.76 -2.15 -8.36
CA SER A 121 -6.43 -1.46 -7.12
C SER A 121 -7.43 -0.39 -6.67
N ARG A 122 -8.56 -0.23 -7.38
CA ARG A 122 -9.58 0.74 -6.92
C ARG A 122 -10.80 0.01 -6.36
N VAL A 123 -10.91 -1.25 -6.68
CA VAL A 123 -11.96 -1.99 -6.07
C VAL A 123 -11.32 -2.81 -4.96
N LEU A 124 -10.08 -3.25 -5.14
CA LEU A 124 -9.39 -3.95 -4.07
C LEU A 124 -8.10 -3.23 -3.73
N PRO A 125 -8.20 -2.21 -2.87
CA PRO A 125 -7.06 -1.35 -2.63
C PRO A 125 -5.80 -2.13 -2.31
N GLY A 126 -5.92 -3.17 -1.50
CA GLY A 126 -4.73 -3.87 -1.02
C GLY A 126 -4.40 -5.11 -1.82
N GLY A 127 -5.07 -5.29 -2.96
CA GLY A 127 -4.73 -6.36 -3.86
C GLY A 127 -5.51 -7.58 -3.59
N ARG A 128 -5.29 -8.25 -2.46
CA ARG A 128 -6.16 -9.39 -2.02
C ARG A 128 -7.43 -8.96 -1.29
N LEU A 129 -8.12 -9.94 -0.75
CA LEU A 129 -9.47 -9.74 -0.22
C LEU A 129 -9.51 -9.33 1.25
N ALA A 130 -8.46 -9.66 2.00
CA ALA A 130 -8.34 -9.22 3.41
C ALA A 130 -8.23 -7.71 3.54
N ALA A 131 -7.45 -7.10 2.64
CA ALA A 131 -7.35 -5.62 2.47
C ALA A 131 -8.70 -4.93 2.28
N GLY A 132 -9.68 -5.66 1.74
CA GLY A 132 -11.08 -5.23 1.75
C GLY A 132 -11.55 -4.69 0.43
N VAL A 133 -12.87 -4.63 0.26
CA VAL A 133 -13.42 -4.06 -0.97
C VAL A 133 -13.81 -2.63 -0.75
N ASN A 134 -13.26 -1.77 -1.59
CA ASN A 134 -13.44 -0.33 -1.50
C ASN A 134 -14.72 0.08 -2.16
N LYS A 135 -15.73 0.41 -1.34
CA LYS A 135 -17.06 0.79 -1.84
C LYS A 135 -17.10 2.00 -2.82
N ASP A 136 -16.43 3.10 -2.47
CA ASP A 136 -16.25 4.22 -3.41
C ASP A 136 -15.90 3.77 -4.83
N GLY A 137 -14.97 2.83 -4.96
CA GLY A 137 -14.53 2.35 -6.26
C GLY A 137 -15.62 1.63 -7.05
N VAL A 138 -16.19 0.60 -6.43
CA VAL A 138 -17.26 -0.17 -7.01
C VAL A 138 -18.53 0.69 -7.25
N LYS A 139 -18.64 1.85 -6.61
CA LYS A 139 -19.73 2.78 -6.98
C LYS A 139 -19.42 3.41 -8.34
N PHE A 140 -18.20 3.93 -8.45
CA PHE A 140 -17.74 4.53 -9.70
C PHE A 140 -18.03 3.62 -10.88
N TYR A 141 -17.54 2.39 -10.85
CA TYR A 141 -17.69 1.55 -12.03
C TYR A 141 -19.16 1.28 -12.36
N HIS A 142 -19.97 1.00 -11.34
CA HIS A 142 -21.41 0.88 -11.50
C HIS A 142 -22.01 2.16 -12.05
N ASP A 143 -21.69 3.32 -11.47
CA ASP A 143 -22.14 4.62 -12.02
C ASP A 143 -21.79 4.73 -13.50
N PHE A 144 -20.55 4.30 -13.80
CA PHE A 144 -19.96 4.44 -15.09
C PHE A 144 -20.60 3.48 -16.07
N ILE A 145 -20.65 2.21 -15.72
CA ILE A 145 -21.33 1.24 -16.56
C ILE A 145 -22.76 1.67 -16.84
N ASP A 146 -23.51 1.98 -15.79
CA ASP A 146 -24.92 2.42 -15.93
C ASP A 146 -25.02 3.64 -16.83
N GLU A 147 -24.02 4.51 -16.76
CA GLU A 147 -24.00 5.68 -17.63
C GLU A 147 -23.88 5.25 -19.11
N LEU A 148 -22.90 4.39 -19.41
CA LEU A 148 -22.75 3.87 -20.77
C LEU A 148 -24.10 3.36 -21.32
N LEU A 149 -24.66 2.35 -20.64
CA LEU A 149 -25.96 1.78 -20.97
C LEU A 149 -27.07 2.83 -20.98
N ALA A 150 -26.99 3.82 -20.13
CA ALA A 150 -28.01 4.88 -20.13
C ALA A 150 -28.01 5.62 -21.47
N ASN A 151 -26.87 5.55 -22.17
CA ASN A 151 -26.66 6.26 -23.44
C ASN A 151 -26.62 5.37 -24.68
N GLY A 152 -26.78 4.07 -24.51
CA GLY A 152 -26.84 3.14 -25.63
C GLY A 152 -25.46 2.62 -26.02
N ILE A 153 -24.52 2.68 -25.09
CA ILE A 153 -23.16 2.23 -25.42
C ILE A 153 -22.78 0.94 -24.70
N LYS A 154 -22.22 0.00 -25.45
CA LYS A 154 -21.85 -1.29 -24.89
C LYS A 154 -20.59 -1.22 -24.06
N PRO A 155 -20.69 -1.63 -22.80
CA PRO A 155 -19.55 -1.70 -21.89
C PRO A 155 -18.64 -2.92 -22.18
N SER A 156 -17.33 -2.71 -22.15
CA SER A 156 -16.37 -3.77 -22.43
C SER A 156 -15.10 -3.68 -21.56
N VAL A 157 -15.03 -4.54 -20.56
CA VAL A 157 -14.12 -4.41 -19.42
C VAL A 157 -12.84 -5.25 -19.51
N THR A 158 -11.70 -4.61 -19.68
CA THR A 158 -10.46 -5.32 -19.51
C THR A 158 -10.20 -5.36 -18.01
N LEU A 159 -9.74 -6.52 -17.51
CA LEU A 159 -9.56 -6.72 -16.10
C LEU A 159 -8.23 -6.17 -15.64
N PHE A 160 -7.22 -6.40 -16.48
CA PHE A 160 -5.85 -6.01 -16.19
C PHE A 160 -5.22 -5.27 -17.37
N HIS A 161 -4.74 -4.07 -17.09
CA HIS A 161 -4.04 -3.26 -18.08
C HIS A 161 -2.88 -2.63 -17.32
N TRP A 162 -2.10 -3.53 -16.72
CA TRP A 162 -0.78 -3.19 -16.16
C TRP A 162 -0.80 -2.42 -14.83
N ASP A 163 -1.94 -1.85 -14.43
CA ASP A 163 -2.03 -1.28 -13.08
C ASP A 163 -2.34 -2.32 -12.00
N LEU A 164 -1.42 -3.26 -11.84
CA LEU A 164 -1.43 -4.24 -10.79
C LEU A 164 -1.34 -3.48 -9.49
N PRO A 165 -2.09 -3.91 -8.45
CA PRO A 165 -1.94 -3.25 -7.16
C PRO A 165 -0.51 -3.32 -6.66
N GLN A 166 0.00 -2.19 -6.15
CA GLN A 166 1.32 -2.20 -5.52
C GLN A 166 1.38 -3.26 -4.43
N ALA A 167 0.35 -3.29 -3.57
CA ALA A 167 0.36 -4.18 -2.42
C ALA A 167 0.79 -5.58 -2.80
N LEU A 168 0.28 -6.07 -3.95
CA LEU A 168 0.63 -7.40 -4.45
C LEU A 168 2.06 -7.46 -5.04
N GLU A 169 2.35 -6.61 -6.01
CA GLU A 169 3.71 -6.53 -6.49
C GLU A 169 4.62 -6.63 -5.30
N ASP A 170 4.39 -5.78 -4.29
CA ASP A 170 5.22 -5.74 -3.09
C ASP A 170 5.28 -7.09 -2.35
N GLU A 171 4.13 -7.55 -1.85
CA GLU A 171 4.12 -8.73 -1.01
C GLU A 171 4.92 -9.91 -1.59
N TYR A 172 4.48 -10.42 -2.74
CA TYR A 172 5.12 -11.61 -3.33
C TYR A 172 5.75 -11.52 -4.73
N GLY A 173 6.12 -10.29 -5.17
CA GLY A 173 6.74 -10.04 -6.48
C GLY A 173 5.75 -9.91 -7.64
N GLY A 174 4.46 -9.90 -7.33
CA GLY A 174 3.42 -9.72 -8.34
C GLY A 174 3.24 -10.90 -9.28
N PHE A 175 3.64 -10.74 -10.54
CA PHE A 175 3.45 -11.82 -11.50
C PHE A 175 4.66 -12.75 -11.59
N LEU A 176 5.66 -12.49 -10.75
CA LEU A 176 6.81 -13.36 -10.67
C LEU A 176 6.50 -14.55 -9.77
N SER A 177 5.29 -14.57 -9.20
CA SER A 177 4.86 -15.60 -8.26
C SER A 177 3.50 -16.23 -8.59
N HIS A 178 3.37 -17.53 -8.35
CA HIS A 178 2.12 -18.25 -8.59
C HIS A 178 0.99 -17.83 -7.61
N ARG A 179 1.39 -17.08 -6.61
CA ARG A 179 0.43 -16.42 -5.74
C ARG A 179 -0.56 -15.49 -6.52
N ILE A 180 -0.09 -14.86 -7.61
CA ILE A 180 -0.88 -13.91 -8.35
C ILE A 180 -2.07 -14.60 -9.00
N VAL A 181 -1.88 -15.83 -9.46
CA VAL A 181 -2.90 -16.52 -10.23
C VAL A 181 -4.17 -16.57 -9.39
N ASP A 182 -4.02 -17.01 -8.15
CA ASP A 182 -5.14 -17.22 -7.27
C ASP A 182 -5.85 -15.92 -6.85
N ASP A 183 -5.10 -14.86 -6.61
CA ASP A 183 -5.72 -13.57 -6.31
C ASP A 183 -6.36 -12.97 -7.51
N PHE A 184 -5.80 -13.23 -8.68
CA PHE A 184 -6.40 -12.71 -9.89
C PHE A 184 -7.76 -13.32 -10.10
N CYS A 185 -7.91 -14.51 -9.54
CA CYS A 185 -9.12 -15.25 -9.70
C CYS A 185 -10.27 -14.63 -8.90
N GLU A 186 -9.88 -14.10 -7.73
CA GLU A 186 -10.79 -13.53 -6.76
C GLU A 186 -11.23 -12.18 -7.23
N TYR A 187 -10.28 -11.45 -7.81
CA TYR A 187 -10.51 -10.18 -8.47
C TYR A 187 -11.50 -10.43 -9.59
N ALA A 188 -11.11 -11.32 -10.50
CA ALA A 188 -11.96 -11.70 -11.60
C ALA A 188 -13.35 -12.05 -11.11
N GLU A 189 -13.44 -12.92 -10.12
CA GLU A 189 -14.70 -13.37 -9.61
C GLU A 189 -15.51 -12.23 -8.99
N PHE A 190 -14.92 -11.47 -8.07
CA PHE A 190 -15.62 -10.30 -7.52
C PHE A 190 -16.33 -9.50 -8.62
N CYS A 191 -15.53 -9.11 -9.62
CA CYS A 191 -15.98 -8.33 -10.73
C CYS A 191 -17.19 -8.89 -11.40
N PHE A 192 -17.01 -10.04 -12.04
CA PHE A 192 -18.09 -10.65 -12.80
C PHE A 192 -19.34 -10.57 -11.95
N TRP A 193 -19.20 -10.95 -10.67
CA TRP A 193 -20.30 -10.94 -9.72
C TRP A 193 -20.82 -9.53 -9.51
N GLU A 194 -19.90 -8.62 -9.28
CA GLU A 194 -20.25 -7.26 -8.93
C GLU A 194 -20.98 -6.60 -10.08
N PHE A 195 -20.37 -6.60 -11.27
CA PHE A 195 -20.86 -5.83 -12.42
C PHE A 195 -21.39 -6.65 -13.56
N GLY A 196 -21.01 -7.92 -13.61
CA GLY A 196 -21.14 -8.73 -14.81
C GLY A 196 -22.55 -8.88 -15.31
N ASP A 197 -23.49 -8.63 -14.41
CA ASP A 197 -24.88 -8.67 -14.75
C ASP A 197 -25.24 -7.60 -15.74
N LYS A 198 -24.26 -6.96 -16.35
CA LYS A 198 -24.55 -5.84 -17.21
C LYS A 198 -23.47 -5.60 -18.23
N ILE A 199 -22.40 -6.38 -18.20
CA ILE A 199 -21.44 -6.28 -19.27
C ILE A 199 -21.28 -7.65 -19.87
N LYS A 200 -21.24 -7.71 -21.19
CA LYS A 200 -21.21 -8.97 -21.89
C LYS A 200 -19.88 -9.26 -22.64
N TYR A 201 -18.90 -8.39 -22.41
CA TYR A 201 -17.57 -8.51 -23.01
C TYR A 201 -16.49 -8.23 -21.97
N TRP A 202 -15.80 -9.31 -21.65
CA TRP A 202 -14.78 -9.28 -20.67
C TRP A 202 -13.42 -9.61 -21.30
N THR A 203 -12.40 -8.97 -20.77
CA THR A 203 -11.07 -9.26 -21.24
C THR A 203 -10.18 -9.46 -20.03
N THR A 204 -9.33 -10.48 -20.07
CA THR A 204 -8.50 -10.75 -18.92
C THR A 204 -7.29 -9.81 -18.88
N PHE A 205 -6.46 -9.89 -19.92
CA PHE A 205 -5.23 -9.12 -20.01
C PHE A 205 -5.18 -8.30 -21.27
N ASN A 206 -4.82 -7.05 -21.11
CA ASN A 206 -4.47 -6.26 -22.27
C ASN A 206 -2.96 -6.31 -22.53
N GLU A 207 -2.59 -6.92 -23.64
CA GLU A 207 -1.22 -6.86 -24.09
C GLU A 207 -0.20 -7.40 -23.10
N PRO A 208 -0.46 -8.61 -22.58
CA PRO A 208 0.48 -9.17 -21.63
C PRO A 208 1.89 -9.22 -22.20
N HIS A 209 2.02 -9.36 -23.52
CA HIS A 209 3.36 -9.44 -24.09
C HIS A 209 4.08 -8.18 -23.68
N THR A 210 3.47 -7.03 -23.97
CA THR A 210 4.06 -5.74 -23.63
C THR A 210 4.37 -5.69 -22.13
N PHE A 211 3.32 -5.92 -21.34
CA PHE A 211 3.41 -5.84 -19.88
C PHE A 211 4.70 -6.49 -19.39
N ALA A 212 4.91 -7.74 -19.78
CA ALA A 212 6.06 -8.53 -19.35
C ALA A 212 7.35 -8.15 -20.03
N VAL A 213 7.33 -7.86 -21.33
CA VAL A 213 8.54 -7.52 -22.07
C VAL A 213 9.11 -6.16 -21.71
N ASN A 214 8.26 -5.15 -21.56
CA ASN A 214 8.84 -3.87 -21.23
C ASN A 214 9.04 -3.77 -19.72
N GLY A 215 8.27 -4.59 -18.99
CA GLY A 215 8.28 -4.58 -17.53
C GLY A 215 9.48 -5.28 -16.94
N TYR A 216 9.76 -6.49 -17.41
CA TYR A 216 10.80 -7.30 -16.79
C TYR A 216 11.97 -7.66 -17.71
N ALA A 217 12.08 -6.94 -18.83
CA ALA A 217 13.11 -7.25 -19.80
C ALA A 217 13.79 -5.98 -20.17
N LEU A 218 13.01 -4.98 -20.55
CA LEU A 218 13.53 -3.69 -20.97
C LEU A 218 13.71 -2.71 -19.81
N GLY A 219 12.99 -2.99 -18.72
CA GLY A 219 12.95 -2.15 -17.52
C GLY A 219 12.32 -0.79 -17.78
N GLU A 220 11.38 -0.73 -18.71
CA GLU A 220 10.94 0.55 -19.20
C GLU A 220 9.53 0.95 -18.76
N PHE A 221 8.87 0.04 -18.08
CA PHE A 221 7.46 0.13 -17.73
C PHE A 221 7.46 -0.52 -16.38
N ALA A 222 6.40 -0.26 -15.61
CA ALA A 222 6.27 -0.84 -14.28
C ALA A 222 6.46 -2.36 -14.34
N PRO A 223 7.21 -2.96 -13.38
CA PRO A 223 7.91 -2.34 -12.24
C PRO A 223 9.31 -1.92 -12.63
N GLY A 224 9.68 -2.17 -13.87
CA GLY A 224 10.89 -1.56 -14.44
C GLY A 224 12.13 -2.36 -14.18
N ARG A 225 12.04 -3.68 -14.32
CA ARG A 225 13.14 -4.59 -13.98
C ARG A 225 13.80 -5.18 -15.22
N GLY A 226 15.01 -5.71 -15.09
CA GLY A 226 15.64 -6.39 -16.22
C GLY A 226 16.62 -5.58 -17.07
N GLY A 227 16.17 -4.41 -17.53
CA GLY A 227 17.01 -3.47 -18.29
C GLY A 227 18.28 -3.00 -17.60
N LYS A 228 19.16 -2.36 -18.36
CA LYS A 228 20.49 -2.01 -17.86
C LYS A 228 20.50 -1.20 -16.54
N GLY A 229 21.23 -1.67 -15.54
CA GLY A 229 21.27 -1.01 -14.25
C GLY A 229 20.08 -1.35 -13.37
N ASP A 230 19.07 -2.00 -13.95
CA ASP A 230 17.84 -2.34 -13.21
C ASP A 230 17.98 -3.62 -12.38
N GLU A 231 16.92 -3.98 -11.65
CA GLU A 231 17.04 -5.00 -10.59
C GLU A 231 16.76 -6.47 -10.99
N GLY A 232 16.00 -6.71 -12.07
CA GLY A 232 15.60 -8.07 -12.46
C GLY A 232 16.61 -9.02 -13.10
N ASP A 233 16.13 -9.91 -13.95
CA ASP A 233 16.99 -10.70 -14.82
C ASP A 233 16.23 -10.84 -16.11
N PRO A 234 16.79 -10.30 -17.23
CA PRO A 234 16.05 -10.26 -18.50
C PRO A 234 16.03 -11.59 -19.24
N ALA A 235 16.92 -12.51 -18.86
CA ALA A 235 16.90 -13.88 -19.35
C ALA A 235 15.81 -14.72 -18.69
N ILE A 236 15.53 -14.49 -17.40
CA ILE A 236 14.49 -15.28 -16.73
C ILE A 236 13.11 -14.62 -16.71
N GLU A 237 13.00 -13.44 -16.11
CA GLU A 237 11.68 -12.97 -15.60
C GLU A 237 10.56 -12.97 -16.62
N PRO A 238 10.79 -12.38 -17.81
CA PRO A 238 9.64 -12.23 -18.72
C PRO A 238 8.88 -13.54 -18.90
N TYR A 239 9.60 -14.63 -19.11
CA TYR A 239 9.02 -15.95 -19.27
C TYR A 239 8.21 -16.43 -18.04
N VAL A 240 8.64 -16.05 -16.84
CA VAL A 240 7.97 -16.54 -15.64
C VAL A 240 6.69 -15.78 -15.57
N VAL A 241 6.82 -14.49 -15.84
CA VAL A 241 5.70 -13.59 -15.79
C VAL A 241 4.63 -14.01 -16.78
N THR A 242 4.94 -14.13 -18.06
CA THR A 242 3.85 -14.49 -18.94
C THR A 242 3.35 -15.88 -18.68
N HIS A 243 4.22 -16.74 -18.20
CA HIS A 243 3.80 -18.10 -17.80
C HIS A 243 2.70 -18.08 -16.71
N ASN A 244 2.84 -17.16 -15.75
CA ASN A 244 1.79 -16.93 -14.77
C ASN A 244 0.55 -16.20 -15.35
N ILE A 245 0.77 -15.28 -16.27
CA ILE A 245 -0.35 -14.53 -16.81
C ILE A 245 -1.26 -15.50 -17.49
N LEU A 246 -0.66 -16.44 -18.20
CA LEU A 246 -1.45 -17.40 -18.92
C LEU A 246 -2.13 -18.20 -17.85
N LEU A 247 -1.42 -18.52 -16.79
CA LEU A 247 -2.04 -19.35 -15.76
C LEU A 247 -3.17 -18.58 -15.10
N ALA A 248 -3.02 -17.25 -15.03
CA ALA A 248 -4.05 -16.39 -14.45
C ALA A 248 -5.20 -16.32 -15.39
N HIS A 249 -4.93 -15.89 -16.62
CA HIS A 249 -6.00 -15.85 -17.61
C HIS A 249 -6.84 -17.14 -17.60
N LYS A 250 -6.19 -18.29 -17.44
CA LYS A 250 -6.86 -19.57 -17.50
C LYS A 250 -7.88 -19.67 -16.37
N ALA A 251 -7.47 -19.20 -15.19
CA ALA A 251 -8.27 -19.34 -13.98
C ALA A 251 -9.44 -18.35 -14.02
N ALA A 252 -9.13 -17.15 -14.50
CA ALA A 252 -10.13 -16.13 -14.72
C ALA A 252 -11.20 -16.68 -15.64
N VAL A 253 -10.80 -17.25 -16.77
CA VAL A 253 -11.73 -17.73 -17.80
C VAL A 253 -12.62 -18.87 -17.32
N GLU A 254 -12.04 -19.86 -16.66
CA GLU A 254 -12.78 -20.97 -16.09
C GLU A 254 -13.81 -20.49 -15.07
N GLU A 255 -13.38 -19.64 -14.15
CA GLU A 255 -14.32 -18.97 -13.23
C GLU A 255 -15.53 -18.54 -14.00
N TYR A 256 -15.29 -17.72 -15.02
CA TYR A 256 -16.35 -17.19 -15.83
C TYR A 256 -17.18 -18.31 -16.47
N ARG A 257 -16.61 -19.06 -17.41
CA ARG A 257 -17.41 -20.10 -18.10
C ARG A 257 -18.29 -20.85 -17.08
N ASN A 258 -17.69 -21.32 -15.97
CA ASN A 258 -18.36 -22.26 -15.05
C ASN A 258 -19.40 -21.69 -14.12
N LYS A 259 -19.27 -20.41 -13.82
CA LYS A 259 -20.07 -19.83 -12.76
C LYS A 259 -20.90 -18.63 -13.23
N PHE A 260 -20.52 -18.03 -14.35
CA PHE A 260 -21.16 -16.80 -14.79
C PHE A 260 -21.72 -16.76 -16.20
N GLN A 261 -21.01 -17.35 -17.16
CA GLN A 261 -21.44 -17.42 -18.58
C GLN A 261 -22.93 -17.77 -18.77
N LYS A 262 -23.38 -18.86 -18.15
CA LYS A 262 -24.78 -19.32 -18.27
C LYS A 262 -25.80 -18.15 -18.06
N CYS A 263 -25.51 -17.29 -17.07
CA CYS A 263 -26.46 -16.28 -16.60
C CYS A 263 -26.27 -14.97 -17.37
N GLN A 264 -25.10 -14.37 -17.21
CA GLN A 264 -24.84 -13.05 -17.76
C GLN A 264 -24.80 -13.04 -19.30
N GLU A 265 -24.74 -14.25 -19.86
CA GLU A 265 -24.51 -14.51 -21.29
C GLU A 265 -23.53 -13.57 -21.92
N GLY A 266 -22.31 -13.57 -21.37
CA GLY A 266 -21.23 -12.73 -21.86
C GLY A 266 -20.14 -13.55 -22.52
N GLU A 267 -19.00 -12.92 -22.81
CA GLU A 267 -17.84 -13.61 -23.39
C GLU A 267 -16.48 -13.07 -22.90
N ILE A 268 -15.63 -13.95 -22.33
CA ILE A 268 -14.26 -13.58 -21.91
C ILE A 268 -13.27 -13.95 -22.99
N GLY A 269 -12.27 -13.11 -23.15
CA GLY A 269 -11.16 -13.37 -24.05
C GLY A 269 -9.92 -12.73 -23.48
N ILE A 270 -8.91 -12.56 -24.33
CA ILE A 270 -7.64 -11.99 -23.94
C ILE A 270 -7.17 -11.14 -25.12
N VAL A 271 -6.62 -9.95 -24.89
CA VAL A 271 -6.16 -9.19 -26.05
C VAL A 271 -4.64 -9.19 -26.22
N LEU A 272 -4.20 -9.54 -27.41
CA LEU A 272 -2.79 -9.71 -27.65
C LEU A 272 -2.39 -8.70 -28.67
N ASN A 273 -1.12 -8.69 -29.03
CA ASN A 273 -0.65 -7.69 -29.94
C ASN A 273 0.52 -8.27 -30.61
N SER A 274 0.82 -7.72 -31.79
CA SER A 274 2.03 -8.04 -32.50
C SER A 274 2.23 -6.98 -33.51
N MET A 275 3.47 -6.84 -33.99
CA MET A 275 3.77 -6.13 -35.22
C MET A 275 3.59 -7.17 -36.25
N TRP A 276 3.32 -6.78 -37.49
CA TRP A 276 3.44 -7.76 -38.53
C TRP A 276 4.94 -7.88 -38.83
N MET A 277 5.34 -9.10 -39.17
CA MET A 277 6.72 -9.37 -39.48
C MET A 277 6.76 -9.69 -40.97
N GLU A 278 7.32 -8.76 -41.77
CA GLU A 278 7.57 -8.99 -43.20
C GLU A 278 9.03 -9.38 -43.49
N PRO A 279 9.27 -10.52 -44.14
CA PRO A 279 10.65 -10.89 -44.43
C PRO A 279 11.32 -9.81 -45.26
N LEU A 280 12.52 -9.41 -44.84
CA LEU A 280 13.34 -8.38 -45.50
C LEU A 280 13.61 -8.72 -46.97
N SER A 281 13.96 -9.98 -47.20
CA SER A 281 14.09 -10.51 -48.56
C SER A 281 13.44 -11.90 -48.62
N ASP A 282 13.43 -12.51 -49.79
CA ASP A 282 12.74 -13.79 -49.96
C ASP A 282 13.62 -15.02 -49.72
N VAL A 283 14.69 -14.88 -48.92
CA VAL A 283 15.52 -16.04 -48.59
C VAL A 283 14.88 -16.78 -47.40
N GLN A 284 15.30 -18.02 -47.17
CA GLN A 284 14.75 -18.83 -46.09
C GLN A 284 15.09 -18.27 -44.70
N ALA A 285 16.35 -17.82 -44.49
CA ALA A 285 16.76 -17.16 -43.24
C ALA A 285 15.77 -16.10 -42.74
N ASP A 286 15.31 -15.27 -43.67
CA ASP A 286 14.32 -14.25 -43.41
C ASP A 286 12.92 -14.85 -43.21
N ILE A 287 12.55 -15.83 -44.04
CA ILE A 287 11.27 -16.53 -43.89
C ILE A 287 11.14 -17.19 -42.51
N ASP A 288 12.17 -17.94 -42.10
CA ASP A 288 12.19 -18.61 -40.78
C ASP A 288 12.16 -17.59 -39.64
N ALA A 289 12.81 -16.45 -39.84
CA ALA A 289 12.83 -15.33 -38.87
C ALA A 289 11.46 -14.74 -38.54
N GLN A 290 10.57 -14.69 -39.54
CA GLN A 290 9.23 -14.19 -39.35
C GLN A 290 8.47 -15.16 -38.47
N LYS A 291 8.76 -16.45 -38.65
CA LYS A 291 8.19 -17.50 -37.82
C LYS A 291 8.58 -17.26 -36.38
N ARG A 292 9.88 -17.09 -36.15
CA ARG A 292 10.42 -16.84 -34.80
C ARG A 292 9.90 -15.56 -34.17
N ALA A 293 9.99 -14.47 -34.93
CA ALA A 293 9.51 -13.15 -34.54
C ALA A 293 8.06 -13.21 -34.05
N LEU A 294 7.24 -13.87 -34.86
CA LEU A 294 5.81 -14.01 -34.57
C LEU A 294 5.55 -14.88 -33.36
N ASP A 295 6.13 -16.08 -33.39
CA ASP A 295 6.06 -17.02 -32.28
C ASP A 295 6.42 -16.34 -30.99
N PHE A 296 7.58 -15.69 -30.97
CA PHE A 296 8.09 -15.04 -29.77
C PHE A 296 7.29 -13.89 -29.25
N MET A 297 6.40 -13.32 -30.05
CA MET A 297 5.62 -12.13 -29.66
C MET A 297 4.15 -12.48 -29.49
N LEU A 298 3.64 -13.33 -30.39
CA LEU A 298 2.23 -13.66 -30.36
C LEU A 298 2.05 -15.10 -29.95
N GLY A 299 2.83 -15.99 -30.54
CA GLY A 299 2.74 -17.42 -30.27
C GLY A 299 2.99 -17.69 -28.81
N TRP A 300 3.89 -16.88 -28.26
CA TRP A 300 4.23 -16.93 -26.85
C TRP A 300 2.97 -17.11 -26.03
N PHE A 301 1.88 -16.49 -26.51
CA PHE A 301 0.57 -16.56 -25.87
C PHE A 301 -0.41 -17.45 -26.61
N LEU A 302 -0.66 -17.18 -27.89
CA LEU A 302 -1.65 -17.97 -28.63
C LEU A 302 -1.42 -19.48 -28.58
N GLU A 303 -0.23 -19.91 -28.97
CA GLU A 303 0.08 -21.34 -28.97
C GLU A 303 -0.35 -22.07 -27.68
N PRO A 304 0.07 -21.61 -26.49
CA PRO A 304 -0.55 -22.20 -25.30
C PRO A 304 -2.08 -22.30 -25.38
N LEU A 305 -2.74 -21.19 -25.74
CA LEU A 305 -4.20 -21.10 -25.84
C LEU A 305 -4.78 -21.86 -27.05
N THR A 306 -3.88 -22.52 -27.78
CA THR A 306 -4.25 -23.46 -28.82
C THR A 306 -3.83 -24.85 -28.42
N THR A 307 -2.57 -25.22 -28.63
CA THR A 307 -2.10 -26.60 -28.36
C THR A 307 -1.87 -26.96 -26.89
N GLY A 308 -1.64 -25.96 -26.05
CA GLY A 308 -1.36 -26.16 -24.63
C GLY A 308 0.12 -26.16 -24.36
N ASP A 309 0.86 -25.52 -25.26
CA ASP A 309 2.32 -25.52 -25.21
C ASP A 309 2.83 -24.31 -25.96
N TYR A 310 4.03 -23.86 -25.61
CA TYR A 310 4.65 -22.72 -26.26
C TYR A 310 5.18 -23.15 -27.60
N PRO A 311 5.31 -22.17 -28.52
CA PRO A 311 5.88 -22.40 -29.85
C PRO A 311 7.16 -23.20 -29.78
N LYS A 312 7.26 -24.21 -30.63
CA LYS A 312 8.47 -25.02 -30.68
C LYS A 312 9.69 -24.12 -30.90
N SER A 313 9.55 -23.12 -31.76
CA SER A 313 10.61 -22.15 -31.97
C SER A 313 11.12 -21.60 -30.62
N MET A 314 10.23 -21.35 -29.68
CA MET A 314 10.63 -20.87 -28.35
C MET A 314 11.27 -21.97 -27.52
N ARG A 315 10.67 -23.16 -27.55
CA ARG A 315 11.13 -24.28 -26.75
C ARG A 315 12.57 -24.61 -27.09
N GLU A 316 12.89 -24.44 -28.37
CA GLU A 316 14.17 -24.83 -28.95
C GLU A 316 15.27 -23.85 -28.53
N LEU A 317 14.89 -22.57 -28.42
CA LEU A 317 15.83 -21.49 -28.21
C LEU A 317 16.00 -21.12 -26.75
N VAL A 318 14.88 -21.09 -26.01
CA VAL A 318 14.87 -20.74 -24.58
C VAL A 318 15.17 -21.95 -23.69
N LYS A 319 14.96 -23.16 -24.23
CA LYS A 319 15.21 -24.40 -23.51
C LYS A 319 14.69 -24.36 -22.07
N GLY A 320 15.61 -24.55 -21.12
CA GLY A 320 15.29 -24.65 -19.69
C GLY A 320 14.80 -23.40 -18.99
N ARG A 321 14.95 -22.24 -19.63
CA ARG A 321 14.48 -20.98 -19.05
C ARG A 321 13.02 -20.74 -19.40
N LEU A 322 12.43 -21.64 -20.17
CA LEU A 322 11.02 -21.52 -20.49
C LEU A 322 10.25 -22.60 -19.73
N PRO A 323 9.54 -22.21 -18.66
CA PRO A 323 8.77 -23.12 -17.83
C PRO A 323 7.75 -24.00 -18.57
N LYS A 324 7.44 -25.12 -17.93
CA LYS A 324 6.61 -26.15 -18.48
C LYS A 324 5.22 -26.09 -17.85
N PHE A 325 4.22 -26.52 -18.61
CA PHE A 325 2.86 -26.56 -18.12
C PHE A 325 2.58 -27.95 -17.67
N SER A 326 1.98 -28.12 -16.50
CA SER A 326 1.63 -29.50 -16.06
C SER A 326 0.63 -30.14 -17.03
N ALA A 327 0.49 -31.45 -16.95
CA ALA A 327 -0.32 -32.18 -17.90
C ALA A 327 -1.72 -31.58 -17.96
N ASP A 328 -2.25 -31.26 -16.79
CA ASP A 328 -3.60 -30.74 -16.61
C ASP A 328 -3.70 -29.34 -17.22
N ASP A 329 -2.82 -28.44 -16.80
CA ASP A 329 -2.72 -27.08 -17.33
C ASP A 329 -2.79 -27.01 -18.85
N SER A 330 -2.00 -27.84 -19.53
CA SER A 330 -2.00 -27.93 -20.99
C SER A 330 -3.41 -28.12 -21.58
N GLU A 331 -4.16 -29.09 -21.05
CA GLU A 331 -5.51 -29.37 -21.56
C GLU A 331 -6.49 -28.24 -21.30
N LYS A 332 -6.49 -27.74 -20.08
CA LYS A 332 -7.45 -26.72 -19.68
C LYS A 332 -7.13 -25.39 -20.39
N LEU A 333 -5.93 -25.32 -20.97
CA LEU A 333 -5.45 -24.11 -21.66
C LEU A 333 -5.81 -24.09 -23.12
N LYS A 334 -5.97 -25.28 -23.70
CA LYS A 334 -6.31 -25.46 -25.11
C LYS A 334 -7.65 -24.82 -25.37
N GLY A 335 -7.71 -23.89 -26.31
CA GLY A 335 -9.00 -23.29 -26.71
C GLY A 335 -9.71 -22.60 -25.56
N CYS A 336 -8.87 -22.09 -24.65
CA CYS A 336 -9.25 -21.41 -23.42
C CYS A 336 -9.37 -19.89 -23.57
N TYR A 337 -10.35 -19.48 -24.38
CA TYR A 337 -10.68 -18.07 -24.58
C TYR A 337 -11.96 -18.08 -25.38
N ASP A 338 -12.70 -16.98 -25.32
CA ASP A 338 -13.91 -16.92 -26.07
C ASP A 338 -13.64 -16.16 -27.33
N PHE A 339 -12.64 -15.29 -27.28
CA PHE A 339 -12.24 -14.55 -28.47
C PHE A 339 -10.87 -14.03 -28.19
N ILE A 340 -10.11 -13.77 -29.25
CA ILE A 340 -8.89 -12.98 -29.19
C ILE A 340 -9.20 -11.55 -29.68
N GLY A 341 -8.88 -10.57 -28.84
CA GLY A 341 -8.78 -9.19 -29.28
C GLY A 341 -7.40 -9.05 -29.91
N MET A 342 -7.22 -8.10 -30.82
CA MET A 342 -5.92 -7.92 -31.44
C MET A 342 -5.53 -6.45 -31.66
N ASN A 343 -4.42 -6.03 -31.06
CA ASN A 343 -3.87 -4.69 -31.18
C ASN A 343 -2.80 -4.61 -32.24
N TYR A 344 -3.06 -3.73 -33.21
CA TYR A 344 -2.14 -3.53 -34.33
C TYR A 344 -1.75 -2.09 -34.37
N TYR A 345 -0.46 -1.87 -34.57
CA TYR A 345 0.03 -0.53 -34.84
C TYR A 345 0.89 -0.41 -36.12
N THR A 346 1.80 -1.35 -36.30
CA THR A 346 2.75 -1.23 -37.38
C THR A 346 3.39 -2.56 -37.74
N ALA A 347 4.26 -2.54 -38.75
CA ALA A 347 4.95 -3.72 -39.20
C ALA A 347 6.41 -3.42 -39.50
N THR A 348 7.25 -4.43 -39.32
CA THR A 348 8.68 -4.29 -39.48
C THR A 348 9.18 -5.36 -40.41
N TYR A 349 10.13 -4.99 -41.25
CA TYR A 349 10.93 -5.97 -41.93
C TYR A 349 11.70 -6.75 -40.88
N VAL A 350 11.94 -8.02 -41.17
CA VAL A 350 12.55 -8.93 -40.23
C VAL A 350 13.66 -9.74 -40.94
N THR A 351 14.70 -10.15 -40.19
CA THR A 351 15.82 -10.95 -40.74
C THR A 351 16.61 -11.74 -39.67
N ASN A 352 17.61 -12.51 -40.13
CA ASN A 352 18.48 -13.30 -39.26
C ASN A 352 19.59 -12.47 -38.61
N ALA A 353 19.87 -12.74 -37.32
CA ALA A 353 20.82 -11.94 -36.52
C ALA A 353 22.25 -12.49 -36.56
N LEU A 361 22.35 -13.12 -23.22
CA LEU A 361 21.26 -13.95 -22.70
C LEU A 361 20.07 -13.13 -22.18
N SER A 362 19.14 -12.74 -23.05
CA SER A 362 17.91 -11.97 -22.67
C SER A 362 16.77 -12.13 -23.69
N TYR A 363 15.54 -11.91 -23.25
CA TYR A 363 14.43 -12.18 -24.12
C TYR A 363 14.52 -11.36 -25.38
N GLU A 364 15.00 -10.13 -25.27
CA GLU A 364 15.08 -9.26 -26.45
C GLU A 364 15.83 -9.93 -27.59
N THR A 365 16.92 -10.59 -27.23
CA THR A 365 17.76 -11.27 -28.21
C THR A 365 17.35 -12.71 -28.56
N ASP A 366 16.63 -13.39 -27.68
CA ASP A 366 16.31 -14.82 -27.85
C ASP A 366 15.63 -15.28 -29.17
N ASP A 367 14.79 -14.44 -29.76
CA ASP A 367 14.23 -14.73 -31.09
C ASP A 367 15.23 -14.22 -32.11
N GLN A 368 16.34 -14.92 -32.29
CA GLN A 368 17.51 -14.33 -32.97
C GLN A 368 17.22 -13.46 -34.22
N VAL A 369 16.32 -12.49 -34.07
CA VAL A 369 15.76 -11.75 -35.21
C VAL A 369 15.91 -10.24 -35.08
N THR A 370 16.82 -9.72 -35.90
CA THR A 370 17.03 -8.29 -36.13
C THR A 370 15.82 -7.67 -36.81
N LYS A 371 15.28 -6.61 -36.21
CA LYS A 371 14.14 -5.88 -36.77
C LYS A 371 14.66 -4.64 -37.51
N THR A 372 13.95 -4.21 -38.55
CA THR A 372 14.30 -2.96 -39.23
C THR A 372 13.14 -2.47 -40.07
N PHE A 373 12.95 -1.16 -40.13
CA PHE A 373 11.89 -0.54 -40.92
C PHE A 373 12.30 -0.17 -42.34
N GLU A 374 13.53 -0.54 -42.73
CA GLU A 374 14.07 -0.11 -44.00
C GLU A 374 14.39 -1.29 -44.91
N ARG A 375 13.90 -1.25 -46.15
CA ARG A 375 14.20 -2.28 -47.15
C ARG A 375 15.54 -1.94 -47.77
N ASN A 376 15.51 -1.02 -48.73
CA ASN A 376 16.72 -0.50 -49.35
C ASN A 376 16.82 0.97 -49.02
N GLN A 377 16.94 1.24 -47.72
CA GLN A 377 16.68 2.54 -47.08
C GLN A 377 15.25 3.12 -47.32
N LYS A 378 14.47 2.49 -48.20
CA LYS A 378 13.04 2.72 -48.27
C LYS A 378 12.39 2.28 -46.94
N PRO A 379 11.62 3.19 -46.29
CA PRO A 379 10.78 2.75 -45.16
C PRO A 379 9.67 1.79 -45.60
N ILE A 380 9.28 0.88 -44.69
CA ILE A 380 8.12 -0.02 -44.88
C ILE A 380 6.82 0.77 -45.07
N GLY A 381 6.74 1.92 -44.44
CA GLY A 381 5.58 2.78 -44.56
C GLY A 381 5.89 4.12 -43.93
N HIS A 382 4.98 5.08 -44.06
CA HIS A 382 5.28 6.43 -43.59
C HIS A 382 5.55 6.44 -42.10
N ALA A 383 6.58 7.17 -41.70
CA ALA A 383 7.08 7.11 -40.33
C ALA A 383 6.42 8.10 -39.39
N LEU A 384 5.51 7.60 -38.56
CA LEU A 384 4.78 8.44 -37.59
C LEU A 384 5.71 9.01 -36.49
N TYR A 385 5.19 9.96 -35.70
CA TYR A 385 6.02 10.77 -34.79
C TYR A 385 7.09 10.03 -34.05
N GLY A 386 6.76 8.90 -33.43
CA GLY A 386 7.72 8.21 -32.56
C GLY A 386 9.07 7.76 -33.14
N GLY A 387 9.08 7.39 -34.41
CA GLY A 387 10.19 6.69 -35.04
C GLY A 387 9.87 5.20 -35.10
N TRP A 388 8.90 4.79 -34.28
CA TRP A 388 8.49 3.39 -34.25
C TRP A 388 7.27 3.12 -35.14
N GLN A 389 6.16 3.81 -34.91
CA GLN A 389 4.99 3.60 -35.76
C GLN A 389 5.19 4.06 -37.20
N HIS A 390 4.95 3.11 -38.11
CA HIS A 390 4.94 3.33 -39.53
C HIS A 390 3.57 2.91 -40.00
N VAL A 391 3.01 3.66 -40.93
CA VAL A 391 1.68 3.31 -41.38
C VAL A 391 1.83 2.16 -42.32
N VAL A 392 1.36 0.99 -41.91
CA VAL A 392 1.36 -0.18 -42.78
C VAL A 392 0.01 -0.86 -42.68
N PRO A 393 -1.01 -0.30 -43.37
CA PRO A 393 -2.37 -0.74 -43.23
C PRO A 393 -2.45 -2.24 -43.51
N TRP A 394 -1.61 -2.67 -44.45
CA TRP A 394 -1.70 -4.02 -44.93
C TRP A 394 -1.04 -5.05 -44.03
N GLY A 395 -0.37 -4.57 -42.98
CA GLY A 395 0.21 -5.45 -41.97
C GLY A 395 -0.87 -6.05 -41.09
N LEU A 396 -1.92 -5.25 -40.83
CA LEU A 396 -3.06 -5.71 -40.07
C LEU A 396 -3.71 -6.84 -40.85
N TYR A 397 -3.86 -6.62 -42.16
CA TYR A 397 -4.41 -7.64 -43.02
C TYR A 397 -3.59 -8.90 -42.82
N LYS A 398 -2.34 -8.85 -43.27
CA LYS A 398 -1.43 -10.00 -43.20
C LYS A 398 -1.50 -10.72 -41.84
N LEU A 399 -1.52 -9.95 -40.76
CA LEU A 399 -1.45 -10.48 -39.39
C LEU A 399 -2.69 -11.23 -39.00
N LEU A 400 -3.85 -10.61 -39.21
CA LEU A 400 -5.13 -11.26 -39.02
C LEU A 400 -5.20 -12.57 -39.78
N VAL A 401 -4.91 -12.52 -41.08
CA VAL A 401 -4.94 -13.72 -41.91
C VAL A 401 -4.01 -14.82 -41.34
N TYR A 402 -2.89 -14.36 -40.80
CA TYR A 402 -1.90 -15.26 -40.24
C TYR A 402 -2.51 -15.97 -39.06
N THR A 403 -3.22 -15.21 -38.23
CA THR A 403 -3.76 -15.75 -36.99
C THR A 403 -4.84 -16.78 -37.22
N LYS A 404 -5.67 -16.55 -38.23
CA LYS A 404 -6.57 -17.63 -38.64
C LYS A 404 -5.73 -18.83 -39.06
N GLU A 405 -4.94 -18.67 -40.13
CA GLU A 405 -4.09 -19.76 -40.67
C GLU A 405 -3.30 -20.58 -39.62
N THR A 406 -2.77 -19.90 -38.59
CA THR A 406 -1.87 -20.50 -37.62
C THR A 406 -2.51 -20.90 -36.31
N TYR A 407 -3.52 -20.17 -35.87
CA TYR A 407 -4.13 -20.48 -34.58
C TYR A 407 -5.63 -20.74 -34.63
N HIS A 408 -6.15 -20.87 -35.85
CA HIS A 408 -7.56 -21.19 -36.10
C HIS A 408 -8.48 -20.65 -35.04
N VAL A 409 -8.57 -19.34 -34.91
CA VAL A 409 -9.37 -18.81 -33.81
C VAL A 409 -10.78 -18.47 -34.26
N PRO A 410 -11.79 -18.93 -33.50
CA PRO A 410 -13.21 -18.67 -33.69
C PRO A 410 -13.58 -17.21 -33.94
N VAL A 411 -13.38 -16.33 -32.95
CA VAL A 411 -13.81 -14.95 -33.08
C VAL A 411 -12.60 -14.05 -32.87
N LEU A 412 -12.39 -13.09 -33.76
CA LEU A 412 -11.33 -12.10 -33.58
C LEU A 412 -11.95 -10.72 -33.56
N TYR A 413 -11.40 -9.84 -32.75
CA TYR A 413 -11.75 -8.42 -32.86
C TYR A 413 -10.47 -7.56 -32.95
N VAL A 414 -10.49 -6.55 -33.82
CA VAL A 414 -9.44 -5.51 -33.76
C VAL A 414 -9.76 -4.57 -32.58
N THR A 415 -9.11 -4.79 -31.44
CA THR A 415 -9.47 -4.12 -30.20
C THR A 415 -8.69 -2.82 -29.94
N GLU A 416 -7.52 -2.70 -30.57
CA GLU A 416 -6.78 -1.45 -30.58
C GLU A 416 -6.19 -1.14 -31.94
N SER A 417 -6.58 0.01 -32.47
CA SER A 417 -6.06 0.51 -33.73
C SER A 417 -6.08 2.03 -33.74
N GLY A 418 -4.95 2.64 -34.11
CA GLY A 418 -4.82 4.10 -34.10
C GLY A 418 -3.42 4.64 -34.36
N MET A 419 -3.36 5.92 -34.72
CA MET A 419 -2.12 6.58 -35.03
C MET A 419 -1.64 7.56 -33.93
N VAL A 420 -0.36 7.51 -33.64
CA VAL A 420 0.28 8.46 -32.74
C VAL A 420 0.34 9.87 -33.39
N GLU A 421 0.52 10.88 -32.57
CA GLU A 421 0.60 12.25 -33.03
C GLU A 421 1.41 13.00 -32.02
N GLU A 422 2.38 13.74 -32.52
CA GLU A 422 3.20 14.61 -31.71
C GLU A 422 2.31 15.60 -30.94
N ASN A 423 2.58 15.76 -29.65
CA ASN A 423 1.93 16.78 -28.87
C ASN A 423 2.63 18.08 -29.11
N LYS A 424 2.34 18.73 -30.24
CA LYS A 424 2.95 20.05 -30.46
C LYS A 424 2.18 20.98 -29.58
N THR A 425 2.92 21.62 -28.69
CA THR A 425 2.49 22.78 -27.96
C THR A 425 2.95 23.91 -28.85
N LYS A 426 2.37 25.08 -28.69
CA LYS A 426 2.74 26.22 -29.55
C LYS A 426 1.90 26.27 -30.84
N ILE A 427 0.85 25.44 -30.89
CA ILE A 427 -0.15 25.54 -31.98
C ILE A 427 -1.62 25.58 -31.49
N LEU A 428 -2.44 26.34 -32.22
CA LEU A 428 -3.82 26.60 -31.86
C LEU A 428 -4.64 25.34 -31.85
N LEU A 429 -5.66 25.29 -30.99
CA LEU A 429 -6.55 24.12 -31.02
C LEU A 429 -7.14 23.95 -32.41
N SER A 430 -7.48 25.07 -33.06
CA SER A 430 -7.95 25.10 -34.45
C SER A 430 -7.19 24.16 -35.37
N GLU A 431 -5.88 24.10 -35.17
CA GLU A 431 -5.00 23.31 -36.03
C GLU A 431 -4.88 21.86 -35.56
N ALA A 432 -4.38 21.69 -34.35
CA ALA A 432 -4.21 20.38 -33.73
C ALA A 432 -5.28 19.35 -34.12
N ARG A 433 -6.50 19.84 -34.30
CA ARG A 433 -7.67 19.00 -34.45
C ARG A 433 -7.98 18.60 -35.92
N ARG A 434 -7.23 19.17 -36.85
CA ARG A 434 -7.39 18.83 -38.24
C ARG A 434 -6.45 17.67 -38.51
N ASP A 435 -6.77 16.55 -37.88
CA ASP A 435 -5.95 15.34 -37.98
C ASP A 435 -6.34 14.50 -39.17
N ALA A 436 -6.35 15.14 -40.34
CA ALA A 436 -6.45 14.47 -41.64
C ALA A 436 -5.71 13.14 -41.63
N GLU A 437 -4.39 13.17 -41.41
CA GLU A 437 -3.58 11.95 -41.40
C GLU A 437 -4.16 10.83 -40.55
N ARG A 438 -4.74 11.16 -39.38
CA ARG A 438 -5.42 10.14 -38.56
C ARG A 438 -6.73 9.57 -39.16
N THR A 439 -7.49 10.39 -39.89
CA THR A 439 -8.69 9.90 -40.58
C THR A 439 -8.27 8.85 -41.62
N ASP A 440 -7.64 9.32 -42.68
CA ASP A 440 -6.81 8.48 -43.52
C ASP A 440 -6.31 7.21 -42.79
N TYR A 441 -5.54 7.36 -41.71
CA TYR A 441 -5.00 6.19 -40.99
C TYR A 441 -6.04 5.10 -40.71
N HIS A 442 -7.17 5.51 -40.12
CA HIS A 442 -8.29 4.60 -39.79
C HIS A 442 -9.02 4.06 -41.04
N GLN A 443 -9.19 4.92 -42.04
CA GLN A 443 -9.71 4.48 -43.32
C GLN A 443 -8.87 3.32 -43.81
N LYS A 444 -7.65 3.61 -44.27
CA LYS A 444 -6.70 2.57 -44.72
C LYS A 444 -6.74 1.32 -43.86
N HIS A 445 -6.72 1.51 -42.56
CA HIS A 445 -6.74 0.36 -41.63
C HIS A 445 -8.03 -0.46 -41.67
N LEU A 446 -9.18 0.21 -41.65
CA LEU A 446 -10.46 -0.48 -41.82
C LEU A 446 -10.56 -1.14 -43.18
N ALA A 447 -9.85 -0.56 -44.14
CA ALA A 447 -9.81 -1.06 -45.49
C ALA A 447 -9.19 -2.43 -45.45
N SER A 448 -8.12 -2.59 -44.69
CA SER A 448 -7.48 -3.89 -44.62
C SER A 448 -8.29 -4.85 -43.78
N VAL A 449 -9.06 -4.33 -42.83
CA VAL A 449 -9.83 -5.20 -41.95
C VAL A 449 -11.01 -5.81 -42.69
N ARG A 450 -11.66 -4.99 -43.51
CA ARG A 450 -12.66 -5.48 -44.45
C ARG A 450 -12.09 -6.63 -45.27
N ASP A 451 -10.97 -6.36 -45.92
CA ASP A 451 -10.27 -7.32 -46.75
C ASP A 451 -9.96 -8.59 -45.98
N ALA A 452 -9.65 -8.46 -44.71
CA ALA A 452 -9.47 -9.66 -43.92
C ALA A 452 -10.77 -10.45 -43.76
N ILE A 453 -11.88 -9.78 -43.49
CA ILE A 453 -13.17 -10.45 -43.29
C ILE A 453 -13.52 -11.17 -44.58
N ASP A 454 -13.33 -10.44 -45.67
CA ASP A 454 -13.71 -10.89 -46.99
C ASP A 454 -12.98 -12.16 -47.40
N ASP A 455 -11.81 -12.41 -46.79
CA ASP A 455 -11.02 -13.61 -47.07
C ASP A 455 -11.10 -14.64 -45.96
N GLY A 456 -12.22 -14.66 -45.25
CA GLY A 456 -12.54 -15.77 -44.36
C GLY A 456 -12.48 -15.35 -42.92
N VAL A 457 -11.40 -14.66 -42.55
CA VAL A 457 -11.12 -14.30 -41.15
C VAL A 457 -12.24 -13.50 -40.49
N ASN A 458 -12.68 -14.03 -39.34
CA ASN A 458 -13.86 -13.58 -38.60
C ASN A 458 -13.62 -12.45 -37.58
N VAL A 459 -13.25 -11.29 -38.10
CA VAL A 459 -13.20 -10.08 -37.30
C VAL A 459 -14.63 -9.64 -37.07
N LYS A 460 -14.91 -9.13 -35.88
CA LYS A 460 -16.25 -8.70 -35.52
C LYS A 460 -16.24 -7.32 -34.91
N GLY A 461 -15.08 -6.66 -34.90
CA GLY A 461 -14.96 -5.40 -34.15
C GLY A 461 -13.73 -4.54 -34.41
N TYR A 462 -13.97 -3.26 -34.75
CA TYR A 462 -12.90 -2.28 -34.83
C TYR A 462 -12.90 -1.34 -33.65
N PHE A 463 -11.77 -1.12 -33.02
CA PHE A 463 -11.79 -0.27 -31.86
C PHE A 463 -10.71 0.76 -31.92
N VAL A 464 -11.09 2.00 -32.17
CA VAL A 464 -10.13 3.06 -32.23
C VAL A 464 -9.40 3.16 -30.89
N TRP A 465 -8.07 3.12 -30.94
CA TRP A 465 -7.26 3.59 -29.83
C TRP A 465 -6.70 4.97 -30.21
N SER A 466 -6.88 5.97 -29.36
CA SER A 466 -7.67 5.91 -28.16
C SER A 466 -8.78 6.96 -28.25
N PHE A 467 -9.92 6.69 -27.62
CA PHE A 467 -11.03 7.61 -27.77
C PHE A 467 -10.58 9.04 -27.51
N PHE A 468 -10.00 9.22 -26.33
CA PHE A 468 -9.51 10.51 -25.86
C PHE A 468 -8.02 10.44 -25.96
N ASP A 469 -7.37 11.59 -26.09
CA ASP A 469 -5.95 11.66 -25.86
C ASP A 469 -5.74 11.39 -24.39
N ASN A 470 -4.70 10.61 -24.06
CA ASN A 470 -4.40 10.31 -22.64
C ASN A 470 -2.92 10.12 -22.30
N PHE A 471 -2.66 9.57 -21.12
CA PHE A 471 -1.29 9.37 -20.64
C PHE A 471 -0.69 8.21 -21.37
N GLU A 472 0.28 8.50 -22.23
CA GLU A 472 0.97 7.49 -23.05
C GLU A 472 2.14 6.79 -22.35
N TRP A 473 1.85 6.18 -21.20
CA TRP A 473 2.79 5.40 -20.42
C TRP A 473 4.17 6.08 -20.28
N ASN A 474 5.24 5.37 -20.61
CA ASN A 474 6.59 5.94 -20.43
C ASN A 474 6.92 7.17 -21.27
N LEU A 475 6.08 7.50 -22.23
CA LEU A 475 6.20 8.78 -22.97
C LEU A 475 5.36 9.91 -22.34
N GLY A 476 4.71 9.59 -21.21
CA GLY A 476 3.87 10.58 -20.49
C GLY A 476 2.91 11.30 -21.41
N TYR A 477 3.08 12.60 -21.57
CA TYR A 477 2.15 13.36 -22.44
C TYR A 477 2.77 14.06 -23.66
N ILE A 478 4.00 13.67 -24.04
CA ILE A 478 4.61 14.29 -25.24
C ILE A 478 3.99 13.82 -26.57
N CYS A 479 3.06 12.88 -26.51
CA CYS A 479 2.27 12.52 -27.71
C CYS A 479 0.76 12.27 -27.44
N ARG A 480 0.01 12.07 -28.52
CA ARG A 480 -1.45 11.96 -28.49
C ARG A 480 -1.88 10.85 -29.42
N TYR A 481 -2.98 10.16 -29.10
CA TYR A 481 -3.42 9.00 -29.87
C TYR A 481 -4.88 9.06 -30.29
N GLY A 482 -5.58 10.09 -29.79
CA GLY A 482 -7.03 10.08 -29.69
C GLY A 482 -7.78 10.78 -30.78
N ILE A 483 -9.08 10.49 -30.80
CA ILE A 483 -9.99 11.14 -31.73
C ILE A 483 -10.71 12.26 -31.02
N ILE A 484 -10.48 12.35 -29.74
CA ILE A 484 -10.97 13.49 -28.99
C ILE A 484 -9.81 14.19 -28.35
N HIS A 485 -9.59 15.43 -28.71
CA HIS A 485 -8.46 16.15 -28.11
C HIS A 485 -8.69 16.39 -26.61
N VAL A 486 -7.62 16.35 -25.84
CA VAL A 486 -7.73 16.66 -24.43
C VAL A 486 -6.61 17.57 -24.06
N ASP A 487 -6.95 18.72 -23.52
CA ASP A 487 -5.96 19.67 -22.96
C ASP A 487 -5.36 19.04 -21.72
N TYR A 488 -4.12 18.58 -21.84
CA TYR A 488 -3.49 17.90 -20.70
C TYR A 488 -3.47 18.73 -19.41
N LYS A 489 -3.56 20.04 -19.53
CA LYS A 489 -3.69 20.82 -18.33
C LYS A 489 -5.16 21.02 -17.92
N SER A 490 -5.97 21.69 -18.75
CA SER A 490 -7.33 22.04 -18.31
C SER A 490 -8.32 20.85 -18.23
N PHE A 491 -7.94 19.72 -18.87
CA PHE A 491 -8.80 18.54 -19.03
C PHE A 491 -9.93 18.79 -20.04
N GLU A 492 -9.95 19.98 -20.63
CA GLU A 492 -11.00 20.32 -21.58
C GLU A 492 -10.94 19.39 -22.79
N ARG A 493 -12.08 19.21 -23.48
CA ARG A 493 -12.26 18.13 -24.45
C ARG A 493 -12.90 18.59 -25.75
N TYR A 494 -12.14 18.70 -26.84
CA TYR A 494 -12.78 19.07 -28.10
C TYR A 494 -12.48 17.99 -29.13
N PRO A 495 -13.50 17.53 -29.89
CA PRO A 495 -13.38 16.47 -30.90
C PRO A 495 -12.55 16.82 -32.12
N LYS A 496 -11.62 15.96 -32.46
CA LYS A 496 -10.87 16.05 -33.71
C LYS A 496 -11.72 15.71 -34.96
N GLU A 497 -11.25 16.18 -36.12
CA GLU A 497 -11.88 15.81 -37.38
C GLU A 497 -12.11 14.30 -37.37
N SER A 498 -11.06 13.54 -37.06
CA SER A 498 -11.13 12.09 -37.02
C SER A 498 -12.40 11.62 -36.32
N ALA A 499 -12.66 12.14 -35.12
CA ALA A 499 -13.88 11.76 -34.44
C ALA A 499 -15.15 12.06 -35.27
N ILE A 500 -15.21 13.20 -35.94
CA ILE A 500 -16.32 13.55 -36.82
C ILE A 500 -16.47 12.56 -38.01
N TRP A 501 -15.33 12.28 -38.64
CA TRP A 501 -15.28 11.33 -39.72
C TRP A 501 -15.95 10.08 -39.20
N TYR A 502 -15.42 9.55 -38.10
CA TYR A 502 -15.87 8.31 -37.51
C TYR A 502 -17.38 8.40 -37.16
N LYS A 503 -17.83 9.55 -36.69
CA LYS A 503 -19.25 9.74 -36.42
C LYS A 503 -20.12 9.41 -37.65
N ASN A 504 -19.69 9.90 -38.82
CA ASN A 504 -20.39 9.70 -40.08
C ASN A 504 -20.32 8.25 -40.50
N PHE A 505 -19.11 7.72 -40.45
CA PHE A 505 -18.83 6.36 -40.87
C PHE A 505 -19.60 5.32 -40.08
N ILE A 506 -19.62 5.45 -38.75
CA ILE A 506 -20.41 4.55 -37.93
C ILE A 506 -21.88 4.50 -38.39
N ALA A 507 -22.31 5.51 -39.15
CA ALA A 507 -23.72 5.78 -39.42
C ALA A 507 -24.24 5.50 -40.87
N GLY A 508 -23.89 4.35 -41.46
CA GLY A 508 -24.12 4.06 -42.90
C GLY A 508 -25.51 3.68 -43.39
N VAL B 37 -7.28 8.52 49.59
CA VAL B 37 -6.47 9.58 50.28
C VAL B 37 -5.35 10.13 49.37
N VAL B 38 -5.68 11.18 48.60
CA VAL B 38 -4.68 11.89 47.77
C VAL B 38 -5.37 12.89 46.86
N HIS B 39 -4.96 14.16 46.91
CA HIS B 39 -5.71 15.21 46.21
C HIS B 39 -4.86 16.05 45.25
N ARG B 40 -5.55 16.89 44.47
CA ARG B 40 -4.90 17.67 43.43
C ARG B 40 -3.76 18.43 44.04
N ARG B 41 -4.07 19.02 45.21
CA ARG B 41 -3.17 19.87 46.01
C ARG B 41 -1.74 19.35 46.15
N ASP B 42 -1.57 18.05 46.43
CA ASP B 42 -0.24 17.51 46.70
C ASP B 42 0.65 17.44 45.45
N PHE B 43 0.26 18.18 44.43
CA PHE B 43 0.97 18.16 43.19
C PHE B 43 1.22 19.56 42.81
N PRO B 44 2.39 19.82 42.20
CA PRO B 44 2.80 21.15 41.71
C PRO B 44 1.66 21.94 41.07
N GLN B 45 1.71 23.26 41.21
CA GLN B 45 0.77 24.08 40.46
C GLN B 45 0.67 23.77 38.95
N ASP B 46 1.79 23.38 38.33
CA ASP B 46 1.81 23.29 36.87
C ASP B 46 1.69 21.86 36.27
N PHE B 47 1.81 20.86 37.15
CA PHE B 47 1.64 19.44 36.79
C PHE B 47 0.39 19.29 35.91
N ILE B 48 0.51 18.51 34.83
CA ILE B 48 -0.60 18.30 33.86
C ILE B 48 -1.35 16.96 34.04
N PHE B 49 -2.68 17.02 34.13
CA PHE B 49 -3.42 15.76 34.16
C PHE B 49 -4.11 15.39 32.87
N GLY B 50 -3.90 14.16 32.41
CA GLY B 50 -4.39 13.80 31.09
C GLY B 50 -4.73 12.35 30.89
N ALA B 51 -5.13 12.02 29.67
CA ALA B 51 -5.37 10.63 29.28
C ALA B 51 -4.99 10.51 27.82
N GLY B 52 -4.94 9.29 27.31
CA GLY B 52 -4.54 9.10 25.92
C GLY B 52 -5.34 8.12 25.06
N GLY B 53 -4.95 8.09 23.79
CA GLY B 53 -5.39 7.11 22.78
C GLY B 53 -4.27 6.96 21.77
N SER B 54 -4.53 6.26 20.67
CA SER B 54 -3.55 6.13 19.60
C SER B 54 -4.22 5.70 18.31
N ALA B 55 -3.93 6.42 17.24
CA ALA B 55 -4.50 6.16 15.92
C ALA B 55 -5.10 4.79 15.74
N TYR B 56 -4.24 3.77 15.76
CA TYR B 56 -4.71 2.48 15.25
C TYR B 56 -5.78 1.96 16.15
N GLN B 57 -5.63 2.22 17.44
CA GLN B 57 -6.50 1.65 18.45
C GLN B 57 -7.82 2.37 18.57
N CYS B 58 -7.90 3.55 17.97
CA CYS B 58 -9.03 4.39 18.18
C CYS B 58 -9.71 4.78 16.89
N GLU B 59 -8.94 5.31 15.95
CA GLU B 59 -9.49 6.09 14.87
C GLU B 59 -10.47 5.28 14.04
N GLY B 60 -10.14 4.00 13.80
CA GLY B 60 -10.85 3.21 12.82
C GLY B 60 -10.85 3.98 11.50
N ALA B 61 -11.73 3.58 10.58
CA ALA B 61 -11.79 4.16 9.24
C ALA B 61 -10.47 3.94 8.53
N TYR B 62 -9.96 2.72 8.63
CA TYR B 62 -8.66 2.34 8.08
C TYR B 62 -8.60 2.59 6.57
N ASN B 63 -9.77 2.50 5.94
CA ASN B 63 -9.93 2.49 4.49
C ASN B 63 -10.86 3.64 3.97
N GLU B 64 -10.90 4.72 4.74
CA GLU B 64 -11.77 5.83 4.46
C GLU B 64 -10.88 7.04 4.49
N GLY B 65 -11.29 8.13 3.83
CA GLY B 65 -10.54 9.36 3.91
C GLY B 65 -9.12 9.14 3.40
N ASN B 66 -9.00 8.16 2.53
CA ASN B 66 -7.81 7.97 1.73
C ASN B 66 -6.57 7.48 2.44
N ARG B 67 -6.77 6.84 3.58
CA ARG B 67 -5.67 6.44 4.45
C ARG B 67 -4.96 5.27 3.83
N GLY B 68 -3.64 5.29 3.89
CA GLY B 68 -2.82 4.16 3.44
C GLY B 68 -2.58 3.12 4.52
N PRO B 69 -2.69 1.84 4.17
CA PRO B 69 -2.60 0.73 5.12
C PRO B 69 -1.33 0.79 5.95
N SER B 70 -1.43 0.53 7.25
CA SER B 70 -0.24 0.37 8.09
C SER B 70 0.09 -1.11 8.24
N ILE B 71 1.27 -1.42 8.76
CA ILE B 71 1.64 -2.80 9.04
C ILE B 71 0.66 -3.40 10.04
N TRP B 72 0.04 -2.55 10.86
CA TRP B 72 -0.96 -3.03 11.79
C TRP B 72 -2.25 -3.46 11.15
N ASP B 73 -2.61 -2.90 10.00
CA ASP B 73 -3.80 -3.41 9.33
C ASP B 73 -3.50 -4.81 8.85
N THR B 74 -2.52 -4.85 7.95
CA THR B 74 -1.91 -6.03 7.37
C THR B 74 -1.64 -7.15 8.36
N PHE B 75 -1.02 -6.83 9.48
CA PHE B 75 -0.84 -7.84 10.48
C PHE B 75 -2.19 -8.45 10.71
N THR B 76 -3.12 -7.61 11.15
CA THR B 76 -4.40 -8.06 11.69
C THR B 76 -5.35 -8.65 10.64
N GLN B 77 -5.00 -8.47 9.37
CA GLN B 77 -5.87 -8.88 8.31
C GLN B 77 -5.34 -10.13 7.67
N ARG B 78 -4.04 -10.17 7.40
CA ARG B 78 -3.43 -11.36 6.85
C ARG B 78 -3.14 -12.41 7.95
N SER B 79 -2.91 -11.96 9.19
CA SER B 79 -2.59 -12.87 10.30
C SER B 79 -3.58 -12.76 11.46
N PRO B 80 -4.88 -13.02 11.20
CA PRO B 80 -5.87 -12.80 12.26
C PRO B 80 -5.79 -13.80 13.41
N ALA B 81 -5.08 -14.91 13.18
CA ALA B 81 -4.97 -15.96 14.19
C ALA B 81 -3.97 -15.57 15.27
N LYS B 82 -3.30 -14.45 15.04
CA LYS B 82 -2.32 -13.94 16.00
C LYS B 82 -2.98 -12.89 16.88
N ILE B 83 -4.28 -12.74 16.72
CA ILE B 83 -5.05 -11.84 17.54
C ILE B 83 -5.91 -12.72 18.39
N SER B 84 -5.95 -12.40 19.67
CA SER B 84 -6.67 -13.19 20.64
C SER B 84 -8.07 -13.59 20.15
N ASP B 85 -8.84 -12.62 19.67
CA ASP B 85 -10.23 -12.88 19.26
C ASP B 85 -10.42 -12.72 17.78
N GLY B 86 -9.33 -12.48 17.05
CA GLY B 86 -9.34 -12.42 15.58
C GLY B 86 -9.62 -11.07 14.93
N SER B 87 -9.68 -10.04 15.77
CA SER B 87 -10.22 -8.75 15.39
C SER B 87 -9.15 -7.82 14.82
N ASN B 88 -9.54 -6.58 14.52
CA ASN B 88 -8.67 -5.59 13.88
C ASN B 88 -9.10 -4.15 14.14
N GLY B 89 -8.21 -3.20 13.94
CA GLY B 89 -8.57 -1.81 14.14
C GLY B 89 -9.25 -1.10 12.98
N ASN B 90 -9.88 -1.87 12.08
CA ASN B 90 -10.61 -1.32 10.94
C ASN B 90 -11.64 -0.27 11.30
N GLN B 91 -12.51 -0.61 12.26
CA GLN B 91 -13.38 0.35 12.90
C GLN B 91 -12.86 0.74 14.28
N ALA B 92 -12.09 -0.14 14.92
CA ALA B 92 -11.56 0.23 16.21
C ALA B 92 -12.73 0.70 17.05
N ILE B 93 -12.66 1.93 17.55
CA ILE B 93 -13.78 2.56 18.27
C ILE B 93 -14.30 3.81 17.55
N ASN B 94 -13.88 4.00 16.30
CA ASN B 94 -14.49 5.00 15.40
C ASN B 94 -14.28 6.44 15.83
N CYS B 95 -13.18 6.70 16.51
CA CYS B 95 -12.84 8.06 16.86
C CYS B 95 -12.70 9.00 15.66
N TYR B 96 -12.56 8.43 14.46
CA TYR B 96 -12.33 9.25 13.29
C TYR B 96 -13.59 9.90 12.84
N HIS B 97 -14.72 9.37 13.27
CA HIS B 97 -15.96 9.94 12.84
C HIS B 97 -16.49 10.71 13.97
N MET B 98 -16.15 10.26 15.17
CA MET B 98 -16.84 10.75 16.34
C MET B 98 -16.05 11.77 17.16
N TYR B 99 -15.12 12.48 16.55
CA TYR B 99 -14.19 13.26 17.38
C TYR B 99 -14.90 14.31 18.21
N LYS B 100 -15.76 15.10 17.56
CA LYS B 100 -16.46 16.19 18.22
C LYS B 100 -17.13 15.71 19.49
N GLU B 101 -17.75 14.53 19.42
CA GLU B 101 -18.32 13.90 20.60
C GLU B 101 -17.25 13.60 21.65
N ASP B 102 -16.16 12.94 21.24
CA ASP B 102 -15.14 12.46 22.17
C ASP B 102 -14.53 13.62 22.95
N ILE B 103 -14.32 14.73 22.26
CA ILE B 103 -13.71 15.90 22.88
C ILE B 103 -14.70 16.53 23.84
N LYS B 104 -15.98 16.33 23.57
CA LYS B 104 -17.04 16.64 24.50
C LYS B 104 -16.78 15.87 25.80
N ILE B 105 -16.66 14.54 25.66
CA ILE B 105 -16.45 13.63 26.79
C ILE B 105 -15.17 13.95 27.56
N MET B 106 -14.13 14.31 26.81
CA MET B 106 -12.89 14.78 27.38
C MET B 106 -13.13 15.94 28.34
N LYS B 107 -13.80 16.98 27.85
CA LYS B 107 -14.03 18.19 28.62
C LYS B 107 -14.96 17.92 29.78
N GLN B 108 -15.92 17.03 29.59
CA GLN B 108 -16.76 16.65 30.73
C GLN B 108 -15.80 16.13 31.81
N THR B 109 -14.93 15.20 31.42
CA THR B 109 -13.95 14.59 32.33
C THR B 109 -13.00 15.63 32.94
N GLY B 110 -12.77 16.71 32.18
CA GLY B 110 -11.96 17.80 32.67
C GLY B 110 -10.51 17.61 32.32
N LEU B 111 -10.21 16.76 31.36
CA LEU B 111 -8.84 16.56 30.92
C LEU B 111 -8.18 17.88 30.63
N GLU B 112 -6.96 18.03 31.09
CA GLU B 112 -6.17 19.23 30.85
C GLU B 112 -5.49 19.11 29.49
N SER B 113 -5.16 17.85 29.16
CA SER B 113 -4.48 17.51 27.92
C SER B 113 -4.86 16.09 27.51
N TYR B 114 -5.03 15.87 26.20
CA TYR B 114 -5.15 14.52 25.61
C TYR B 114 -3.96 14.18 24.71
N ARG B 115 -3.56 12.91 24.77
CA ARG B 115 -2.45 12.43 24.02
C ARG B 115 -2.94 11.46 22.98
N PHE B 116 -2.79 11.87 21.73
CA PHE B 116 -3.20 11.06 20.59
C PHE B 116 -2.00 10.96 19.67
N SER B 117 -2.14 10.20 18.60
CA SER B 117 -1.06 10.00 17.68
C SER B 117 -1.53 10.21 16.24
N ILE B 118 -0.64 10.68 15.37
CA ILE B 118 -0.96 10.79 13.96
C ILE B 118 -0.64 9.45 13.37
N SER B 119 -1.61 8.84 12.69
CA SER B 119 -1.35 7.73 11.80
C SER B 119 -0.49 8.24 10.65
N TRP B 120 0.77 7.81 10.66
CA TRP B 120 1.73 8.23 9.66
C TRP B 120 1.09 8.07 8.31
N SER B 121 0.48 6.93 8.11
CA SER B 121 0.01 6.55 6.81
C SER B 121 -1.33 7.18 6.47
N ARG B 122 -1.78 8.13 7.27
CA ARG B 122 -3.02 8.82 6.93
C ARG B 122 -2.67 10.20 6.38
N VAL B 123 -1.46 10.62 6.64
CA VAL B 123 -1.04 11.89 6.13
C VAL B 123 -0.21 11.56 4.90
N LEU B 124 0.63 10.54 5.00
CA LEU B 124 1.40 10.09 3.84
C LEU B 124 1.09 8.63 3.52
N PRO B 125 0.05 8.40 2.68
CA PRO B 125 -0.45 7.06 2.48
C PRO B 125 0.60 6.07 2.03
N GLY B 126 1.51 6.55 1.19
CA GLY B 126 2.49 5.66 0.63
C GLY B 126 3.80 5.65 1.38
N GLY B 127 3.86 6.37 2.50
CA GLY B 127 5.02 6.41 3.39
C GLY B 127 5.97 7.54 3.12
N ARG B 128 6.63 7.52 1.97
CA ARG B 128 7.48 8.66 1.54
C ARG B 128 6.63 9.74 0.93
N LEU B 129 7.30 10.75 0.37
CA LEU B 129 6.62 11.94 -0.13
C LEU B 129 6.22 11.86 -1.60
N ALA B 130 6.86 11.01 -2.38
CA ALA B 130 6.45 10.77 -3.76
C ALA B 130 5.01 10.23 -3.89
N ALA B 131 4.64 9.37 -2.95
CA ALA B 131 3.28 8.82 -2.80
C ALA B 131 2.23 9.92 -2.54
N GLY B 132 2.68 11.03 -1.98
CA GLY B 132 1.90 12.25 -1.95
C GLY B 132 1.35 12.47 -0.58
N VAL B 133 0.83 13.68 -0.37
CA VAL B 133 0.26 14.01 0.91
C VAL B 133 -1.26 14.00 0.80
N ASN B 134 -1.90 13.25 1.69
CA ASN B 134 -3.34 13.00 1.64
C ASN B 134 -4.12 14.09 2.34
N LYS B 135 -4.78 14.94 1.57
CA LYS B 135 -5.46 16.11 2.10
C LYS B 135 -6.58 15.78 3.09
N ASP B 136 -7.41 14.80 2.79
CA ASP B 136 -8.42 14.31 3.75
C ASP B 136 -7.85 14.05 5.15
N GLY B 137 -6.67 13.42 5.21
CA GLY B 137 -5.99 13.12 6.45
C GLY B 137 -5.62 14.37 7.23
N VAL B 138 -4.87 15.27 6.59
CA VAL B 138 -4.45 16.51 7.23
C VAL B 138 -5.63 17.40 7.63
N LYS B 139 -6.79 17.22 6.99
CA LYS B 139 -8.00 17.96 7.44
C LYS B 139 -8.40 17.44 8.80
N PHE B 140 -8.58 16.13 8.88
CA PHE B 140 -8.91 15.46 10.13
C PHE B 140 -8.03 15.97 11.29
N TYR B 141 -6.73 15.86 11.16
CA TYR B 141 -5.87 16.21 12.27
C TYR B 141 -6.09 17.63 12.69
N HIS B 142 -6.13 18.53 11.71
CA HIS B 142 -6.41 19.94 11.94
C HIS B 142 -7.73 20.15 12.61
N ASP B 143 -8.77 19.52 12.08
CA ASP B 143 -10.11 19.59 12.69
C ASP B 143 -10.04 19.13 14.15
N PHE B 144 -9.36 18.00 14.35
CA PHE B 144 -9.19 17.40 15.65
C PHE B 144 -8.43 18.31 16.59
N ILE B 145 -7.19 18.67 16.24
CA ILE B 145 -6.42 19.68 16.98
C ILE B 145 -7.30 20.85 17.38
N ASP B 146 -7.84 21.54 16.37
CA ASP B 146 -8.67 22.74 16.57
C ASP B 146 -9.80 22.47 17.52
N GLU B 147 -10.36 21.28 17.46
CA GLU B 147 -11.44 20.94 18.40
C GLU B 147 -10.94 20.83 19.83
N LEU B 148 -9.82 20.16 20.07
CA LEU B 148 -9.27 20.11 21.42
C LEU B 148 -9.10 21.53 21.99
N LEU B 149 -8.32 22.35 21.27
CA LEU B 149 -8.14 23.77 21.59
C LEU B 149 -9.45 24.55 21.77
N ALA B 150 -10.42 24.28 20.91
CA ALA B 150 -11.71 24.95 21.01
C ALA B 150 -12.42 24.57 22.32
N ASN B 151 -11.96 23.50 22.97
CA ASN B 151 -12.52 23.07 24.26
C ASN B 151 -11.61 23.24 25.48
N GLY B 152 -10.44 23.84 25.27
CA GLY B 152 -9.52 24.13 26.36
C GLY B 152 -8.62 22.95 26.68
N ILE B 153 -8.43 22.06 25.71
CA ILE B 153 -7.67 20.84 25.96
C ILE B 153 -6.32 20.81 25.20
N LYS B 154 -5.24 20.51 25.92
CA LYS B 154 -3.92 20.58 25.32
C LYS B 154 -3.64 19.35 24.45
N PRO B 155 -3.34 19.57 23.16
CA PRO B 155 -2.94 18.51 22.21
C PRO B 155 -1.54 17.99 22.45
N SER B 156 -1.36 16.67 22.35
CA SER B 156 -0.03 16.02 22.58
C SER B 156 0.21 14.85 21.62
N VAL B 157 1.04 15.13 20.61
CA VAL B 157 1.14 14.25 19.45
C VAL B 157 2.32 13.27 19.45
N THR B 158 2.02 11.99 19.61
CA THR B 158 2.99 10.93 19.32
C THR B 158 3.07 10.83 17.80
N LEU B 159 4.29 10.76 17.25
CA LEU B 159 4.48 10.65 15.81
C LEU B 159 4.29 9.22 15.34
N PHE B 160 4.83 8.29 16.13
CA PHE B 160 4.84 6.88 15.78
C PHE B 160 4.36 6.02 16.94
N HIS B 161 3.26 5.30 16.74
CA HIS B 161 2.74 4.34 17.70
C HIS B 161 2.45 3.06 16.90
N TRP B 162 3.50 2.57 16.24
CA TRP B 162 3.57 1.25 15.63
C TRP B 162 2.81 1.09 14.35
N ASP B 163 1.95 2.07 14.02
CA ASP B 163 1.25 2.04 12.74
C ASP B 163 2.10 2.62 11.63
N LEU B 164 3.22 1.93 11.36
CA LEU B 164 4.18 2.23 10.31
C LEU B 164 3.51 1.97 8.98
N PRO B 165 3.66 2.91 8.02
CA PRO B 165 2.99 2.63 6.75
C PRO B 165 3.45 1.30 6.17
N GLN B 166 2.50 0.45 5.77
CA GLN B 166 2.83 -0.77 5.06
C GLN B 166 3.79 -0.48 3.91
N ALA B 167 3.44 0.50 3.08
CA ALA B 167 4.25 0.91 1.93
C ALA B 167 5.76 0.85 2.16
N LEU B 168 6.18 1.40 3.29
CA LEU B 168 7.58 1.45 3.72
C LEU B 168 8.09 0.09 4.26
N GLU B 169 7.40 -0.46 5.26
CA GLU B 169 7.70 -1.82 5.70
C GLU B 169 8.04 -2.66 4.48
N ASP B 170 7.11 -2.68 3.52
CA ASP B 170 7.27 -3.40 2.26
C ASP B 170 8.52 -3.02 1.44
N GLU B 171 8.62 -1.77 0.96
CA GLU B 171 9.75 -1.37 0.08
C GLU B 171 11.12 -1.80 0.59
N TYR B 172 11.54 -1.32 1.77
CA TYR B 172 12.87 -1.63 2.31
C TYR B 172 12.98 -2.32 3.67
N GLY B 173 11.90 -2.96 4.11
CA GLY B 173 11.90 -3.67 5.39
C GLY B 173 11.54 -2.83 6.60
N GLY B 174 11.09 -1.61 6.35
CA GLY B 174 10.72 -0.69 7.43
C GLY B 174 11.89 -0.27 8.32
N PHE B 175 11.89 -0.68 9.58
CA PHE B 175 12.92 -0.19 10.48
C PHE B 175 14.13 -1.10 10.47
N LEU B 176 14.10 -2.12 9.61
CA LEU B 176 15.27 -2.95 9.38
C LEU B 176 16.29 -2.23 8.51
N SER B 177 15.93 -1.03 8.04
CA SER B 177 16.75 -0.28 7.11
C SER B 177 16.96 1.16 7.53
N HIS B 178 18.17 1.67 7.32
CA HIS B 178 18.48 3.05 7.62
C HIS B 178 17.77 4.03 6.64
N ARG B 179 17.12 3.46 5.64
CA ARG B 179 16.23 4.23 4.83
C ARG B 179 15.09 4.88 5.67
N ILE B 180 14.70 4.23 6.77
CA ILE B 180 13.56 4.69 7.55
C ILE B 180 13.87 6.03 8.19
N VAL B 181 15.12 6.20 8.62
CA VAL B 181 15.51 7.37 9.42
C VAL B 181 15.19 8.60 8.60
N ASP B 182 15.58 8.57 7.33
CA ASP B 182 15.40 9.72 6.49
C ASP B 182 13.92 10.03 6.20
N ASP B 183 13.11 9.01 5.95
CA ASP B 183 11.69 9.17 5.70
C ASP B 183 10.97 9.61 6.94
N PHE B 184 11.44 9.15 8.08
CA PHE B 184 10.86 9.61 9.34
C PHE B 184 11.14 11.10 9.56
N CYS B 185 12.25 11.58 9.00
CA CYS B 185 12.61 12.99 9.07
C CYS B 185 11.60 13.87 8.36
N GLU B 186 11.23 13.43 7.16
CA GLU B 186 10.25 14.06 6.29
C GLU B 186 8.90 14.12 6.94
N TYR B 187 8.52 12.99 7.53
CA TYR B 187 7.24 12.81 8.16
C TYR B 187 7.20 13.80 9.31
N ALA B 188 8.18 13.67 10.20
CA ALA B 188 8.32 14.59 11.33
C ALA B 188 8.24 16.03 10.85
N GLU B 189 9.05 16.39 9.85
CA GLU B 189 9.08 17.75 9.33
C GLU B 189 7.73 18.21 8.82
N PHE B 190 7.15 17.42 7.92
CA PHE B 190 5.83 17.74 7.42
C PHE B 190 4.90 18.13 8.59
N CYS B 191 4.76 17.22 9.54
CA CYS B 191 3.84 17.42 10.65
C CYS B 191 4.12 18.73 11.35
N PHE B 192 5.33 18.87 11.91
CA PHE B 192 5.70 20.05 12.66
C PHE B 192 5.21 21.24 11.88
N TRP B 193 5.54 21.25 10.60
CA TRP B 193 5.16 22.34 9.72
C TRP B 193 3.65 22.46 9.59
N GLU B 194 2.99 21.35 9.31
CA GLU B 194 1.59 21.41 9.01
C GLU B 194 0.83 21.80 10.25
N PHE B 195 1.11 21.15 11.38
CA PHE B 195 0.24 21.30 12.56
C PHE B 195 0.89 22.00 13.73
N GLY B 196 2.22 22.03 13.76
CA GLY B 196 2.99 22.33 14.97
C GLY B 196 2.81 23.74 15.50
N ASP B 197 2.33 24.62 14.63
CA ASP B 197 1.86 25.94 14.99
C ASP B 197 0.91 25.95 16.17
N LYS B 198 0.50 24.78 16.65
CA LYS B 198 -0.58 24.76 17.61
C LYS B 198 -0.45 23.64 18.60
N ILE B 199 0.55 22.77 18.42
CA ILE B 199 0.83 21.80 19.47
C ILE B 199 2.22 21.98 20.01
N LYS B 200 2.36 22.02 21.34
CA LYS B 200 3.63 22.32 21.98
C LYS B 200 4.26 21.09 22.64
N TYR B 201 3.70 19.90 22.35
CA TYR B 201 4.14 18.65 22.94
C TYR B 201 4.13 17.53 21.93
N TRP B 202 5.34 17.22 21.50
CA TRP B 202 5.61 16.24 20.49
C TRP B 202 6.27 15.00 21.09
N THR B 203 6.00 13.86 20.49
CA THR B 203 6.57 12.62 20.93
C THR B 203 7.02 11.93 19.67
N THR B 204 8.22 11.34 19.67
CA THR B 204 8.64 10.66 18.46
C THR B 204 8.08 9.25 18.46
N PHE B 205 8.53 8.44 19.42
CA PHE B 205 8.22 7.03 19.46
C PHE B 205 7.48 6.71 20.73
N ASN B 206 6.41 5.94 20.59
CA ASN B 206 5.78 5.37 21.76
C ASN B 206 6.24 3.94 21.99
N GLU B 207 6.98 3.73 23.07
CA GLU B 207 7.41 2.40 23.49
C GLU B 207 8.15 1.63 22.41
N PRO B 208 9.16 2.24 21.85
CA PRO B 208 9.91 1.53 20.85
C PRO B 208 10.44 0.19 21.38
N HIS B 209 10.71 0.07 22.68
CA HIS B 209 11.12 -1.23 23.22
C HIS B 209 10.11 -2.27 22.82
N THR B 210 8.85 -2.01 23.14
CA THR B 210 7.75 -2.92 22.79
C THR B 210 7.70 -3.16 21.29
N PHE B 211 7.62 -2.07 20.54
CA PHE B 211 7.48 -2.15 19.11
C PHE B 211 8.46 -3.16 18.55
N ALA B 212 9.75 -3.05 18.89
CA ALA B 212 10.79 -3.95 18.35
C ALA B 212 10.87 -5.35 19.00
N VAL B 213 10.61 -5.42 20.30
CA VAL B 213 10.68 -6.70 20.99
C VAL B 213 9.49 -7.58 20.64
N ASN B 214 8.32 -6.98 20.54
CA ASN B 214 7.15 -7.77 20.24
C ASN B 214 7.09 -8.05 18.74
N GLY B 215 7.72 -7.15 18.00
CA GLY B 215 7.64 -7.11 16.57
C GLY B 215 8.66 -7.99 15.90
N TYR B 216 9.90 -7.91 16.35
CA TYR B 216 10.97 -8.61 15.68
C TYR B 216 11.69 -9.68 16.53
N ALA B 217 11.07 -10.06 17.64
CA ALA B 217 11.68 -11.01 18.56
C ALA B 217 10.65 -12.02 18.98
N LEU B 218 9.49 -11.55 19.42
CA LEU B 218 8.39 -12.45 19.79
C LEU B 218 7.50 -12.88 18.62
N GLY B 219 7.46 -12.04 17.59
CA GLY B 219 6.61 -12.27 16.43
C GLY B 219 5.16 -12.10 16.79
N GLU B 220 4.89 -11.28 17.79
CA GLU B 220 3.55 -11.21 18.36
C GLU B 220 2.72 -10.00 17.89
N PHE B 221 3.36 -9.10 17.15
CA PHE B 221 2.86 -7.77 16.86
C PHE B 221 3.42 -7.48 15.52
N ALA B 222 2.79 -6.59 14.77
CA ALA B 222 3.32 -6.18 13.45
C ALA B 222 4.83 -5.95 13.49
N PRO B 223 5.55 -6.41 12.48
CA PRO B 223 5.13 -7.20 11.35
C PRO B 223 5.16 -8.67 11.69
N GLY B 224 5.58 -9.01 12.90
CA GLY B 224 5.33 -10.36 13.43
C GLY B 224 6.43 -11.35 13.11
N ARG B 225 7.66 -10.91 13.28
CA ARG B 225 8.80 -11.70 12.85
C ARG B 225 9.63 -12.10 14.06
N GLY B 226 10.50 -13.09 13.90
CA GLY B 226 11.37 -13.51 14.99
C GLY B 226 10.90 -14.71 15.82
N GLY B 227 9.68 -14.65 16.36
CA GLY B 227 9.08 -15.79 17.06
C GLY B 227 9.00 -17.10 16.28
N LYS B 228 8.66 -18.21 16.93
CA LYS B 228 8.83 -19.49 16.25
C LYS B 228 7.82 -19.75 15.11
N GLY B 229 8.37 -20.30 14.02
CA GLY B 229 7.63 -20.47 12.78
C GLY B 229 7.63 -19.17 11.98
N ASP B 230 7.98 -18.06 12.64
CA ASP B 230 7.99 -16.73 12.02
C ASP B 230 9.19 -16.51 11.07
N GLU B 231 9.24 -15.35 10.44
CA GLU B 231 10.15 -15.11 9.32
C GLU B 231 11.50 -14.47 9.63
N GLY B 232 11.63 -13.75 10.75
CA GLY B 232 12.84 -12.96 11.03
C GLY B 232 14.08 -13.66 11.59
N ASP B 233 14.76 -12.98 12.50
CA ASP B 233 15.82 -13.57 13.29
C ASP B 233 15.84 -12.87 14.65
N PRO B 234 15.46 -13.57 15.72
CA PRO B 234 15.30 -12.86 16.99
C PRO B 234 16.63 -12.47 17.63
N ALA B 235 17.72 -13.07 17.18
CA ALA B 235 19.01 -12.72 17.70
C ALA B 235 19.43 -11.40 17.09
N ILE B 236 19.17 -11.18 15.79
CA ILE B 236 19.65 -9.95 15.16
C ILE B 236 18.64 -8.79 15.17
N GLU B 237 17.47 -9.01 14.58
CA GLU B 237 16.57 -7.90 14.23
C GLU B 237 16.23 -6.85 15.28
N PRO B 238 15.75 -7.27 16.46
CA PRO B 238 15.43 -6.27 17.50
C PRO B 238 16.47 -5.16 17.58
N TYR B 239 17.70 -5.55 17.87
CA TYR B 239 18.83 -4.61 17.96
C TYR B 239 18.98 -3.69 16.76
N VAL B 240 18.66 -4.18 15.56
CA VAL B 240 18.81 -3.37 14.37
C VAL B 240 17.74 -2.31 14.42
N VAL B 241 16.54 -2.78 14.74
CA VAL B 241 15.35 -1.98 14.71
C VAL B 241 15.56 -0.87 15.69
N THR B 242 15.73 -1.20 16.96
CA THR B 242 15.92 -0.15 17.96
C THR B 242 17.06 0.79 17.59
N HIS B 243 18.12 0.26 17.01
CA HIS B 243 19.24 1.11 16.56
C HIS B 243 18.82 2.21 15.60
N ASN B 244 17.92 1.83 14.70
CA ASN B 244 17.39 2.75 13.73
C ASN B 244 16.35 3.71 14.32
N ILE B 245 15.55 3.21 15.28
CA ILE B 245 14.57 4.03 16.01
C ILE B 245 15.30 5.19 16.65
N LEU B 246 16.37 4.87 17.37
CA LEU B 246 17.15 5.87 18.04
C LEU B 246 17.69 6.79 16.96
N LEU B 247 18.14 6.24 15.84
CA LEU B 247 18.70 7.10 14.81
C LEU B 247 17.64 7.99 14.18
N ALA B 248 16.41 7.49 14.13
CA ALA B 248 15.28 8.27 13.63
C ALA B 248 14.91 9.29 14.66
N HIS B 249 14.60 8.84 15.87
CA HIS B 249 14.38 9.78 16.96
C HIS B 249 15.33 10.99 16.89
N LYS B 250 16.61 10.71 16.66
CA LYS B 250 17.65 11.74 16.64
C LYS B 250 17.44 12.77 15.54
N ALA B 251 17.07 12.28 14.38
CA ALA B 251 16.89 13.12 13.22
C ALA B 251 15.64 13.94 13.42
N ALA B 252 14.61 13.29 13.97
CA ALA B 252 13.34 13.92 14.26
C ALA B 252 13.59 15.05 15.21
N VAL B 253 14.24 14.78 16.33
CA VAL B 253 14.49 15.81 17.33
C VAL B 253 15.27 17.01 16.80
N GLU B 254 16.40 16.74 16.13
CA GLU B 254 17.22 17.77 15.49
C GLU B 254 16.41 18.65 14.56
N GLU B 255 15.63 18.03 13.69
CA GLU B 255 14.73 18.78 12.83
C GLU B 255 14.01 19.86 13.61
N TYR B 256 13.31 19.42 14.66
CA TYR B 256 12.49 20.31 15.45
C TYR B 256 13.33 21.36 16.18
N ARG B 257 14.21 20.96 17.09
CA ARG B 257 15.14 21.92 17.73
C ARG B 257 15.53 23.01 16.73
N ASN B 258 16.17 22.64 15.60
CA ASN B 258 16.83 23.62 14.74
C ASN B 258 15.93 24.41 13.81
N LYS B 259 14.76 23.89 13.50
CA LYS B 259 13.95 24.58 12.50
C LYS B 259 12.59 25.02 13.00
N PHE B 260 12.14 24.48 14.13
CA PHE B 260 10.79 24.75 14.61
C PHE B 260 10.61 25.22 16.05
N GLN B 261 11.37 24.65 17.00
CA GLN B 261 11.25 25.06 18.42
C GLN B 261 11.26 26.56 18.67
N LYS B 262 12.21 27.29 18.09
CA LYS B 262 12.30 28.76 18.20
C LYS B 262 10.93 29.46 18.04
N CYS B 263 10.14 29.04 17.04
CA CYS B 263 8.82 29.65 16.79
C CYS B 263 7.66 28.98 17.52
N GLN B 264 7.46 27.69 17.29
CA GLN B 264 6.30 26.99 17.84
C GLN B 264 6.31 26.93 19.40
N GLU B 265 7.50 27.11 19.97
CA GLU B 265 7.68 27.16 21.42
C GLU B 265 7.27 25.84 22.09
N GLY B 266 7.68 24.71 21.49
CA GLY B 266 7.20 23.41 21.95
C GLY B 266 8.32 22.53 22.48
N GLU B 267 8.00 21.28 22.78
CA GLU B 267 9.00 20.34 23.29
C GLU B 267 8.83 18.91 22.71
N ILE B 268 9.88 18.36 22.08
CA ILE B 268 9.87 16.96 21.62
C ILE B 268 10.50 16.07 22.65
N GLY B 269 9.98 14.86 22.78
CA GLY B 269 10.56 13.83 23.64
C GLY B 269 10.33 12.47 23.03
N ILE B 270 10.59 11.42 23.81
CA ILE B 270 10.33 10.05 23.40
C ILE B 270 9.74 9.35 24.61
N VAL B 271 8.71 8.51 24.44
CA VAL B 271 8.18 7.82 25.65
C VAL B 271 8.56 6.38 25.66
N LEU B 272 9.19 5.97 26.74
CA LEU B 272 9.62 4.59 26.84
C LEU B 272 8.87 3.93 27.99
N ASN B 273 9.22 2.68 28.23
CA ASN B 273 8.52 1.94 29.22
C ASN B 273 9.48 1.00 29.88
N SER B 274 9.11 0.57 31.07
CA SER B 274 9.74 -0.57 31.69
C SER B 274 8.82 -1.05 32.76
N MET B 275 9.03 -2.31 33.15
CA MET B 275 8.46 -2.82 34.39
C MET B 275 9.50 -2.45 35.38
N TRP B 276 9.12 -2.39 36.65
CA TRP B 276 10.13 -2.25 37.66
C TRP B 276 10.72 -3.61 37.89
N MET B 277 12.04 -3.65 38.06
CA MET B 277 12.69 -4.91 38.34
C MET B 277 13.06 -4.93 39.82
N GLU B 278 12.34 -5.76 40.57
CA GLU B 278 12.60 -6.01 41.99
C GLU B 278 13.41 -7.28 42.19
N PRO B 279 14.59 -7.15 42.82
CA PRO B 279 15.40 -8.34 43.15
C PRO B 279 14.59 -9.32 44.00
N LEU B 280 14.57 -10.59 43.59
CA LEU B 280 13.72 -11.63 44.24
C LEU B 280 14.18 -11.88 45.68
N SER B 281 15.50 -11.94 45.87
CA SER B 281 16.16 -11.95 47.20
C SER B 281 17.34 -10.96 47.24
N ASP B 282 17.93 -10.75 48.42
CA ASP B 282 18.99 -9.76 48.53
C ASP B 282 20.42 -10.23 48.18
N VAL B 283 20.53 -11.27 47.31
CA VAL B 283 21.81 -11.79 46.81
C VAL B 283 22.33 -10.87 45.69
N GLN B 284 23.64 -10.95 45.40
CA GLN B 284 24.27 -10.19 44.32
C GLN B 284 23.70 -10.58 42.96
N ALA B 285 23.57 -11.89 42.74
CA ALA B 285 23.04 -12.45 41.47
C ALA B 285 21.77 -11.72 41.05
N ASP B 286 20.83 -11.57 42.01
CA ASP B 286 19.57 -10.85 41.82
C ASP B 286 19.86 -9.37 41.62
N ILE B 287 20.61 -8.78 42.55
CA ILE B 287 20.97 -7.36 42.48
C ILE B 287 21.51 -6.97 41.08
N ASP B 288 22.47 -7.74 40.58
CA ASP B 288 23.03 -7.51 39.23
C ASP B 288 21.97 -7.73 38.14
N ALA B 289 21.12 -8.75 38.34
CA ALA B 289 20.05 -9.09 37.39
C ALA B 289 19.12 -7.89 37.14
N GLN B 290 18.88 -7.11 38.18
CA GLN B 290 18.04 -5.93 38.13
C GLN B 290 18.67 -4.95 37.18
N LYS B 291 20.00 -4.82 37.28
CA LYS B 291 20.71 -3.89 36.41
C LYS B 291 20.56 -4.34 34.97
N ARG B 292 20.72 -5.64 34.72
CA ARG B 292 20.65 -6.18 33.34
C ARG B 292 19.25 -6.08 32.72
N ALA B 293 18.24 -6.51 33.50
CA ALA B 293 16.82 -6.34 33.14
C ALA B 293 16.45 -4.90 32.86
N LEU B 294 16.92 -3.97 33.71
CA LEU B 294 16.66 -2.55 33.52
C LEU B 294 17.34 -1.99 32.27
N ASP B 295 18.66 -2.20 32.20
CA ASP B 295 19.46 -1.85 31.03
C ASP B 295 18.85 -2.37 29.76
N PHE B 296 18.54 -3.66 29.73
CA PHE B 296 18.02 -4.31 28.51
C PHE B 296 16.60 -3.94 28.10
N MET B 297 15.88 -3.20 28.93
CA MET B 297 14.52 -2.81 28.56
C MET B 297 14.44 -1.28 28.44
N LEU B 298 15.16 -0.59 29.33
CA LEU B 298 15.11 0.86 29.42
C LEU B 298 16.39 1.49 28.93
N GLY B 299 17.51 1.02 29.50
CA GLY B 299 18.84 1.52 29.16
C GLY B 299 19.08 1.40 27.69
N TRP B 300 18.61 0.30 27.14
CA TRP B 300 18.66 0.02 25.73
C TRP B 300 18.48 1.31 24.98
N PHE B 301 17.56 2.14 25.48
CA PHE B 301 17.24 3.42 24.86
C PHE B 301 17.81 4.59 25.60
N LEU B 302 17.47 4.71 26.88
CA LEU B 302 17.95 5.85 27.65
C LEU B 302 19.45 6.08 27.52
N GLU B 303 20.24 5.07 27.86
CA GLU B 303 21.70 5.17 27.78
C GLU B 303 22.19 5.88 26.51
N PRO B 304 21.81 5.41 25.33
CA PRO B 304 22.20 6.19 24.16
C PRO B 304 21.89 7.67 24.33
N LEU B 305 20.64 8.01 24.68
CA LEU B 305 20.25 9.41 24.83
C LEU B 305 20.92 10.08 26.05
N THR B 306 21.75 9.32 26.76
CA THR B 306 22.50 9.85 27.90
C THR B 306 23.98 9.91 27.49
N THR B 307 24.69 8.77 27.55
CA THR B 307 26.13 8.71 27.22
C THR B 307 26.51 8.77 25.72
N GLY B 308 25.61 8.34 24.84
CA GLY B 308 25.88 8.19 23.41
C GLY B 308 26.21 6.75 23.06
N ASP B 309 25.83 5.85 23.97
CA ASP B 309 26.18 4.45 23.83
C ASP B 309 25.23 3.61 24.65
N TYR B 310 25.15 2.33 24.27
CA TYR B 310 24.27 1.36 24.90
C TYR B 310 24.87 0.94 26.23
N PRO B 311 24.02 0.46 27.16
CA PRO B 311 24.45 -0.10 28.42
C PRO B 311 25.62 -1.05 28.24
N LYS B 312 26.63 -0.94 29.09
CA LYS B 312 27.76 -1.86 28.99
C LYS B 312 27.25 -3.28 29.20
N SER B 313 26.33 -3.45 30.14
CA SER B 313 25.70 -4.72 30.36
C SER B 313 25.31 -5.37 29.04
N MET B 314 24.77 -4.59 28.10
CA MET B 314 24.35 -5.12 26.81
C MET B 314 25.52 -5.32 25.88
N ARG B 315 26.42 -4.34 25.78
CA ARG B 315 27.64 -4.50 24.96
C ARG B 315 28.37 -5.81 25.33
N GLU B 316 28.29 -6.14 26.61
CA GLU B 316 29.01 -7.25 27.21
C GLU B 316 28.42 -8.58 26.79
N LEU B 317 27.10 -8.63 26.79
CA LEU B 317 26.39 -9.87 26.52
C LEU B 317 26.05 -10.09 25.05
N VAL B 318 25.72 -9.00 24.35
CA VAL B 318 25.28 -8.99 22.95
C VAL B 318 26.45 -8.91 21.95
N LYS B 319 27.58 -8.40 22.41
CA LYS B 319 28.79 -8.31 21.60
C LYS B 319 28.56 -7.77 20.16
N GLY B 320 29.00 -8.55 19.16
CA GLY B 320 28.91 -8.17 17.74
C GLY B 320 27.51 -8.02 17.16
N ARG B 321 26.51 -8.55 17.87
CA ARG B 321 25.09 -8.44 17.45
C ARG B 321 24.43 -7.08 17.78
N LEU B 322 25.19 -6.23 18.48
CA LEU B 322 24.68 -4.95 18.92
C LEU B 322 25.43 -3.82 18.22
N PRO B 323 24.79 -3.20 17.22
CA PRO B 323 25.43 -2.22 16.33
C PRO B 323 26.03 -1.04 17.06
N LYS B 324 26.95 -0.37 16.38
CA LYS B 324 27.79 0.65 16.95
C LYS B 324 27.32 2.01 16.42
N PHE B 325 27.47 3.05 17.22
CA PHE B 325 27.15 4.40 16.76
C PHE B 325 28.39 5.11 16.24
N SER B 326 28.27 5.71 15.06
CA SER B 326 29.30 6.61 14.54
C SER B 326 29.76 7.58 15.63
N ALA B 327 30.96 8.13 15.47
CA ALA B 327 31.51 9.01 16.52
C ALA B 327 30.64 10.25 16.64
N ASP B 328 30.18 10.77 15.50
CA ASP B 328 29.23 11.88 15.47
C ASP B 328 27.83 11.55 16.06
N ASP B 329 27.23 10.44 15.64
CA ASP B 329 25.95 9.99 16.20
C ASP B 329 25.94 10.04 17.73
N SER B 330 26.92 9.39 18.34
CA SER B 330 27.06 9.38 19.79
C SER B 330 26.90 10.76 20.42
N GLU B 331 27.61 11.74 19.86
CA GLU B 331 27.58 13.08 20.41
C GLU B 331 26.20 13.70 20.21
N LYS B 332 25.65 13.53 19.02
CA LYS B 332 24.42 14.21 18.66
C LYS B 332 23.23 13.55 19.39
N LEU B 333 23.49 12.38 19.96
CA LEU B 333 22.49 11.58 20.68
C LEU B 333 22.42 11.87 22.15
N LYS B 334 23.53 12.40 22.66
CA LYS B 334 23.75 12.71 24.05
C LYS B 334 22.75 13.78 24.44
N GLY B 335 21.87 13.47 25.38
CA GLY B 335 20.93 14.46 25.92
C GLY B 335 20.02 15.00 24.85
N CYS B 336 19.70 14.14 23.90
CA CYS B 336 18.95 14.49 22.72
C CYS B 336 17.50 14.07 22.87
N TYR B 337 16.83 14.80 23.75
CA TYR B 337 15.40 14.72 23.94
C TYR B 337 15.06 15.92 24.81
N ASP B 338 13.81 16.36 24.84
CA ASP B 338 13.45 17.48 25.66
C ASP B 338 12.84 16.94 26.92
N PHE B 339 12.21 15.77 26.84
CA PHE B 339 11.65 15.11 28.02
C PHE B 339 11.54 13.62 27.75
N ILE B 340 11.53 12.83 28.81
CA ILE B 340 11.23 11.42 28.69
C ILE B 340 9.81 11.21 29.20
N GLY B 341 8.97 10.64 28.34
CA GLY B 341 7.67 10.15 28.77
C GLY B 341 7.93 8.78 29.34
N MET B 342 7.11 8.35 30.30
CA MET B 342 7.34 7.06 30.93
C MET B 342 6.04 6.28 31.15
N ASN B 343 5.97 5.09 30.58
CA ASN B 343 4.79 4.26 30.74
C ASN B 343 5.03 3.14 31.74
N TYR B 344 4.14 3.07 32.72
CA TYR B 344 4.27 2.04 33.74
C TYR B 344 3.00 1.24 33.87
N TYR B 345 3.18 -0.06 34.04
CA TYR B 345 2.07 -0.95 34.35
C TYR B 345 2.29 -1.80 35.61
N THR B 346 3.47 -2.40 35.73
CA THR B 346 3.68 -3.51 36.68
C THR B 346 5.14 -3.65 37.06
N ALA B 347 5.38 -4.50 38.05
CA ALA B 347 6.74 -4.82 38.45
C ALA B 347 6.89 -6.33 38.67
N THR B 348 8.07 -6.85 38.37
CA THR B 348 8.33 -8.27 38.55
C THR B 348 9.58 -8.47 39.37
N TYR B 349 9.53 -9.50 40.22
CA TYR B 349 10.74 -10.07 40.81
C TYR B 349 11.65 -10.50 39.69
N VAL B 350 12.93 -10.34 39.92
CA VAL B 350 13.91 -10.61 38.91
C VAL B 350 15.02 -11.52 39.46
N THR B 351 15.68 -12.28 38.59
CA THR B 351 16.82 -13.18 38.99
C THR B 351 17.73 -13.63 37.82
N ASN B 352 19.02 -13.82 38.05
CA ASN B 352 19.89 -14.34 37.00
C ASN B 352 19.45 -15.77 36.75
N ALA B 353 19.38 -16.14 35.46
CA ALA B 353 18.96 -17.48 35.04
C ALA B 353 20.10 -18.30 34.41
N VAL B 354 19.91 -19.61 34.29
CA VAL B 354 21.00 -20.56 33.93
C VAL B 354 20.95 -21.41 32.63
N LYS B 355 19.80 -21.50 31.95
CA LYS B 355 19.52 -22.54 30.88
C LYS B 355 20.68 -23.09 30.03
N SER B 356 20.74 -22.67 28.76
CA SER B 356 21.84 -23.00 27.82
C SER B 356 21.90 -24.43 27.19
N ASN B 357 20.77 -24.90 26.65
CA ASN B 357 20.76 -26.01 25.71
C ASN B 357 20.12 -25.43 24.46
N SER B 358 18.84 -25.84 24.31
CA SER B 358 17.85 -25.32 23.34
C SER B 358 17.50 -23.82 23.53
N GLU B 359 18.46 -23.08 24.09
CA GLU B 359 18.53 -21.65 23.91
C GLU B 359 18.74 -21.48 22.40
N LYS B 360 17.93 -20.62 21.79
CA LYS B 360 18.27 -20.01 20.50
C LYS B 360 18.69 -18.62 20.88
N LEU B 361 19.78 -18.17 20.29
CA LEU B 361 20.21 -16.79 20.49
C LEU B 361 18.98 -15.92 20.21
N SER B 362 18.58 -15.16 21.22
CA SER B 362 17.46 -14.26 21.10
C SER B 362 17.49 -13.16 22.14
N TYR B 363 16.91 -12.03 21.77
CA TYR B 363 16.83 -10.90 22.63
C TYR B 363 16.12 -11.33 23.92
N GLU B 364 15.11 -12.17 23.81
CA GLU B 364 14.35 -12.64 24.98
C GLU B 364 15.28 -13.11 26.08
N THR B 365 16.24 -13.96 25.70
CA THR B 365 17.15 -14.62 26.63
C THR B 365 18.43 -13.83 26.99
N ASP B 366 18.85 -12.92 26.11
CA ASP B 366 20.13 -12.20 26.24
C ASP B 366 20.41 -11.43 27.57
N ASP B 367 19.36 -10.94 28.23
CA ASP B 367 19.47 -10.32 29.55
C ASP B 367 19.39 -11.43 30.58
N GLN B 368 20.40 -12.28 30.68
CA GLN B 368 20.23 -13.55 31.39
C GLN B 368 19.32 -13.56 32.63
N VAL B 369 18.14 -12.95 32.55
CA VAL B 369 17.29 -12.76 33.71
C VAL B 369 15.92 -13.37 33.60
N THR B 370 15.68 -14.42 34.41
CA THR B 370 14.36 -15.02 34.69
C THR B 370 13.47 -14.04 35.46
N LYS B 371 12.32 -13.69 34.92
CA LYS B 371 11.35 -12.86 35.65
C LYS B 371 10.35 -13.76 36.38
N THR B 372 9.77 -13.30 37.48
CA THR B 372 8.64 -14.01 38.10
C THR B 372 7.88 -13.07 38.98
N PHE B 373 6.57 -13.29 39.07
CA PHE B 373 5.68 -12.47 39.89
C PHE B 373 5.50 -13.02 41.32
N GLU B 374 6.24 -14.09 41.65
CA GLU B 374 6.06 -14.85 42.90
C GLU B 374 7.31 -14.78 43.77
N ARG B 375 7.17 -14.37 45.04
CA ARG B 375 8.32 -14.37 45.94
C ARG B 375 8.43 -15.77 46.55
N ASN B 376 7.57 -16.03 47.53
CA ASN B 376 7.42 -17.38 48.01
C ASN B 376 5.98 -17.81 47.83
N GLN B 377 5.67 -18.03 46.55
CA GLN B 377 4.30 -18.16 46.05
C GLN B 377 3.45 -16.88 46.28
N LYS B 378 3.92 -15.98 47.16
CA LYS B 378 3.32 -14.66 47.31
C LYS B 378 3.46 -13.93 45.98
N PRO B 379 2.34 -13.43 45.38
CA PRO B 379 2.51 -12.52 44.25
C PRO B 379 3.11 -11.17 44.73
N ILE B 380 3.78 -10.48 43.81
CA ILE B 380 4.33 -9.12 44.03
C ILE B 380 3.23 -8.07 44.28
N GLY B 381 2.05 -8.33 43.73
CA GLY B 381 0.89 -7.45 43.87
C GLY B 381 -0.35 -8.13 43.34
N HIS B 382 -1.51 -7.54 43.58
CA HIS B 382 -2.71 -8.18 43.11
C HIS B 382 -2.67 -8.40 41.60
N ALA B 383 -3.15 -9.55 41.16
CA ALA B 383 -2.99 -10.00 39.76
C ALA B 383 -4.20 -9.66 38.89
N LEU B 384 -4.06 -8.66 38.02
CA LEU B 384 -5.18 -8.20 37.18
C LEU B 384 -5.42 -9.14 36.02
N TYR B 385 -6.59 -8.99 35.37
CA TYR B 385 -7.12 -9.96 34.40
C TYR B 385 -6.10 -10.71 33.50
N GLY B 386 -5.15 -10.01 32.92
CA GLY B 386 -4.23 -10.68 32.00
C GLY B 386 -3.43 -11.86 32.51
N GLY B 387 -2.98 -11.77 33.76
CA GLY B 387 -2.00 -12.70 34.29
C GLY B 387 -0.65 -12.02 34.32
N TRP B 388 -0.54 -10.88 33.61
CA TRP B 388 0.70 -10.11 33.55
C TRP B 388 0.67 -8.85 34.43
N GLN B 389 -0.34 -7.99 34.24
CA GLN B 389 -0.42 -6.82 35.11
C GLN B 389 -0.79 -7.23 36.53
N HIS B 390 0.05 -6.74 37.45
CA HIS B 390 -0.07 -6.97 38.88
C HIS B 390 -0.02 -5.57 39.39
N VAL B 391 -0.88 -5.23 40.34
CA VAL B 391 -0.85 -3.84 40.81
C VAL B 391 0.34 -3.67 41.74
N VAL B 392 1.29 -2.85 41.30
CA VAL B 392 2.42 -2.53 42.15
C VAL B 392 2.67 -1.02 42.05
N PRO B 393 1.89 -0.23 42.83
CA PRO B 393 1.92 1.23 42.76
C PRO B 393 3.32 1.75 43.00
N TRP B 394 4.02 1.00 43.84
CA TRP B 394 5.29 1.40 44.34
C TRP B 394 6.44 1.09 43.40
N GLY B 395 6.13 0.41 42.30
CA GLY B 395 7.12 0.13 41.29
C GLY B 395 7.36 1.35 40.43
N LEU B 396 6.30 2.11 40.24
CA LEU B 396 6.35 3.37 39.52
C LEU B 396 7.28 4.32 40.29
N TYR B 397 7.09 4.35 41.62
CA TYR B 397 7.95 5.15 42.48
C TYR B 397 9.36 4.67 42.20
N LYS B 398 9.68 3.43 42.58
CA LYS B 398 11.05 2.99 42.47
C LYS B 398 11.65 3.27 41.08
N LEU B 399 10.86 3.13 40.02
CA LEU B 399 11.36 3.25 38.64
C LEU B 399 11.73 4.68 38.31
N LEU B 400 10.79 5.58 38.53
CA LEU B 400 11.06 6.99 38.34
C LEU B 400 12.35 7.40 39.08
N VAL B 401 12.40 7.11 40.38
CA VAL B 401 13.54 7.47 41.21
C VAL B 401 14.84 6.92 40.57
N TYR B 402 14.72 5.72 40.01
CA TYR B 402 15.82 5.01 39.40
C TYR B 402 16.28 5.79 38.18
N THR B 403 15.29 6.30 37.44
CA THR B 403 15.57 6.99 36.21
C THR B 403 16.27 8.31 36.46
N LYS B 404 15.88 9.02 37.53
CA LYS B 404 16.70 10.17 37.94
C LYS B 404 18.10 9.71 38.27
N GLU B 405 18.20 8.80 39.25
CA GLU B 405 19.49 8.25 39.71
C GLU B 405 20.49 7.90 38.61
N THR B 406 19.98 7.23 37.57
CA THR B 406 20.85 6.61 36.57
C THR B 406 20.90 7.32 35.25
N TYR B 407 19.90 8.15 34.98
CA TYR B 407 19.83 8.82 33.69
C TYR B 407 19.72 10.33 33.79
N HIS B 408 19.77 10.84 35.02
CA HIS B 408 19.62 12.29 35.33
C HIS B 408 18.87 13.05 34.24
N VAL B 409 17.58 12.75 34.11
CA VAL B 409 16.80 13.38 33.06
C VAL B 409 16.14 14.64 33.60
N PRO B 410 16.36 15.78 32.91
CA PRO B 410 15.67 17.04 33.23
C PRO B 410 14.18 16.90 33.51
N VAL B 411 13.39 16.51 32.51
CA VAL B 411 11.91 16.53 32.59
C VAL B 411 11.35 15.14 32.43
N LEU B 412 10.44 14.75 33.33
CA LEU B 412 9.85 13.43 33.32
C LEU B 412 8.33 13.54 33.31
N TYR B 413 7.67 12.75 32.45
CA TYR B 413 6.21 12.64 32.44
C TYR B 413 5.73 11.19 32.57
N VAL B 414 4.83 10.91 33.52
CA VAL B 414 4.12 9.63 33.44
C VAL B 414 3.04 9.76 32.37
N THR B 415 3.34 9.15 31.24
CA THR B 415 2.58 9.36 30.01
C THR B 415 1.55 8.26 29.76
N GLU B 416 1.78 7.08 30.33
CA GLU B 416 0.81 6.00 30.33
C GLU B 416 0.72 5.34 31.68
N SER B 417 -0.50 5.31 32.21
CA SER B 417 -0.74 4.70 33.49
C SER B 417 -2.17 4.27 33.55
N GLY B 418 -2.38 3.00 33.94
CA GLY B 418 -3.74 2.41 33.97
C GLY B 418 -3.91 0.92 34.17
N MET B 419 -5.11 0.48 34.55
CA MET B 419 -5.33 -0.92 34.78
C MET B 419 -6.22 -1.60 33.73
N VAL B 420 -5.80 -2.80 33.33
CA VAL B 420 -6.57 -3.63 32.44
C VAL B 420 -7.83 -4.12 33.17
N GLU B 421 -8.81 -4.58 32.39
CA GLU B 421 -10.06 -5.05 32.94
C GLU B 421 -10.63 -5.97 31.92
N GLU B 422 -11.05 -7.13 32.36
CA GLU B 422 -11.60 -8.14 31.46
C GLU B 422 -12.85 -7.58 30.81
N ASN B 423 -13.01 -7.86 29.53
CA ASN B 423 -14.24 -7.47 28.88
C ASN B 423 -15.24 -8.56 29.13
N LYS B 424 -15.91 -8.51 30.29
CA LYS B 424 -17.02 -9.45 30.56
C LYS B 424 -18.15 -9.00 29.66
N THR B 425 -18.57 -9.87 28.76
CA THR B 425 -19.82 -9.73 28.04
C THR B 425 -20.75 -10.50 28.94
N LYS B 426 -22.06 -10.30 28.79
CA LYS B 426 -23.06 -10.95 29.68
C LYS B 426 -23.22 -10.23 31.02
N ILE B 427 -22.65 -9.02 31.16
CA ILE B 427 -22.97 -8.13 32.30
C ILE B 427 -23.49 -6.73 31.87
N LEU B 428 -24.44 -6.20 32.63
CA LEU B 428 -25.12 -4.95 32.27
C LEU B 428 -24.16 -3.79 32.29
N LEU B 429 -24.41 -2.74 31.49
CA LEU B 429 -23.55 -1.58 31.52
C LEU B 429 -23.48 -1.07 32.95
N SER B 430 -24.63 -1.11 33.63
CA SER B 430 -24.79 -0.62 35.00
C SER B 430 -23.69 -1.13 35.89
N GLU B 431 -23.23 -2.34 35.58
CA GLU B 431 -22.22 -3.01 36.38
C GLU B 431 -20.81 -2.72 35.89
N ALA B 432 -20.53 -3.04 34.62
CA ALA B 432 -19.19 -2.85 34.03
C ALA B 432 -18.51 -1.51 34.39
N ARG B 433 -19.31 -0.47 34.60
CA ARG B 433 -18.80 0.87 34.78
C ARG B 433 -18.49 1.23 36.24
N ARG B 434 -18.79 0.32 37.15
CA ARG B 434 -18.48 0.53 38.55
C ARG B 434 -17.11 -0.06 38.78
N ASP B 435 -16.13 0.60 38.17
CA ASP B 435 -14.78 0.11 38.20
C ASP B 435 -13.99 0.74 39.37
N ALA B 436 -14.58 0.68 40.57
CA ALA B 436 -13.83 0.91 41.80
C ALA B 436 -12.34 0.46 41.66
N GLU B 437 -12.07 -0.83 41.43
CA GLU B 437 -10.66 -1.28 41.31
C GLU B 437 -9.77 -0.32 40.52
N ARG B 438 -10.32 0.26 39.46
CA ARG B 438 -9.57 1.20 38.60
C ARG B 438 -9.35 2.55 39.26
N THR B 439 -10.34 2.98 40.03
CA THR B 439 -10.21 4.24 40.77
C THR B 439 -9.01 4.11 41.71
N ASP B 440 -9.23 3.35 42.78
CA ASP B 440 -8.16 2.76 43.54
C ASP B 440 -6.83 2.64 42.76
N TYR B 441 -6.77 1.86 41.69
CA TYR B 441 -5.50 1.70 40.96
C TYR B 441 -4.78 3.04 40.66
N HIS B 442 -5.52 4.05 40.18
CA HIS B 442 -4.95 5.39 39.85
C HIS B 442 -4.63 6.25 41.07
N GLN B 443 -5.49 6.18 42.08
CA GLN B 443 -5.18 6.72 43.39
C GLN B 443 -3.80 6.19 43.74
N LYS B 444 -3.73 4.93 44.15
CA LYS B 444 -2.45 4.37 44.57
C LYS B 444 -1.28 4.78 43.68
N HIS B 445 -1.51 4.74 42.37
CA HIS B 445 -0.44 5.08 41.42
C HIS B 445 -0.03 6.56 41.47
N LEU B 446 -1.02 7.44 41.53
CA LEU B 446 -0.75 8.87 41.74
C LEU B 446 -0.04 9.13 43.07
N ALA B 447 -0.34 8.30 44.08
CA ALA B 447 0.26 8.44 45.41
C ALA B 447 1.75 8.20 45.31
N SER B 448 2.14 7.19 44.55
CA SER B 448 3.56 6.93 44.28
C SER B 448 4.20 8.04 43.48
N VAL B 449 3.41 8.66 42.59
CA VAL B 449 3.95 9.68 41.70
C VAL B 449 4.25 10.91 42.50
N ARG B 450 3.35 11.26 43.41
CA ARG B 450 3.58 12.34 44.33
C ARG B 450 4.85 12.07 45.10
N ASP B 451 4.93 10.88 45.66
CA ASP B 451 6.10 10.46 46.41
C ASP B 451 7.40 10.51 45.60
N ALA B 452 7.32 10.31 44.30
CA ALA B 452 8.49 10.51 43.46
C ALA B 452 8.87 11.99 43.34
N ILE B 453 7.89 12.89 43.20
CA ILE B 453 8.21 14.30 43.00
C ILE B 453 8.77 14.87 44.29
N ASP B 454 8.16 14.44 45.39
CA ASP B 454 8.55 14.85 46.69
C ASP B 454 9.98 14.51 47.00
N ASP B 455 10.52 13.43 46.42
CA ASP B 455 11.90 13.04 46.70
C ASP B 455 12.83 13.44 45.57
N GLY B 456 12.49 14.56 44.92
CA GLY B 456 13.40 15.21 43.99
C GLY B 456 12.99 15.08 42.54
N VAL B 457 12.66 13.86 42.12
CA VAL B 457 12.37 13.58 40.71
C VAL B 457 11.22 14.40 40.12
N ASN B 458 11.55 15.01 38.98
CA ASN B 458 10.79 16.07 38.33
C ASN B 458 9.74 15.54 37.30
N VAL B 459 8.74 14.84 37.85
CA VAL B 459 7.53 14.47 37.14
C VAL B 459 6.70 15.73 36.91
N LYS B 460 6.07 15.83 35.74
CA LYS B 460 5.24 17.00 35.45
C LYS B 460 3.87 16.61 34.88
N GLY B 461 3.58 15.32 34.77
CA GLY B 461 2.35 14.91 34.10
C GLY B 461 1.91 13.48 34.38
N TYR B 462 0.65 13.31 34.74
CA TYR B 462 0.03 12.00 34.75
C TYR B 462 -0.88 11.80 33.55
N PHE B 463 -0.79 10.67 32.87
CA PHE B 463 -1.67 10.46 31.73
C PHE B 463 -2.35 9.12 31.81
N VAL B 464 -3.63 9.16 32.17
CA VAL B 464 -4.40 7.95 32.26
C VAL B 464 -4.37 7.22 30.92
N TRP B 465 -4.03 5.94 30.95
CA TRP B 465 -4.28 5.05 29.82
C TRP B 465 -5.37 4.06 30.18
N SER B 466 -6.42 3.99 29.35
CA SER B 466 -6.59 4.80 28.18
C SER B 466 -7.85 5.61 28.37
N PHE B 467 -8.00 6.75 27.68
CA PHE B 467 -9.19 7.56 27.91
C PHE B 467 -10.41 6.73 27.68
N PHE B 468 -10.50 6.18 26.47
CA PHE B 468 -11.58 5.31 26.08
C PHE B 468 -11.11 3.91 26.13
N ASP B 469 -12.02 2.98 26.33
CA ASP B 469 -11.73 1.59 26.00
C ASP B 469 -11.42 1.53 24.49
N ASN B 470 -10.35 0.83 24.11
CA ASN B 470 -9.98 0.71 22.68
C ASN B 470 -9.49 -0.66 22.24
N PHE B 471 -8.89 -0.69 21.05
CA PHE B 471 -8.37 -1.93 20.53
C PHE B 471 -7.02 -2.25 21.14
N GLU B 472 -7.01 -3.26 22.02
CA GLU B 472 -5.81 -3.74 22.71
C GLU B 472 -4.87 -4.66 21.93
N TRP B 473 -4.31 -4.13 20.84
CA TRP B 473 -3.37 -4.83 19.96
C TRP B 473 -3.65 -6.35 19.81
N ASN B 474 -2.64 -7.19 20.07
CA ASN B 474 -2.77 -8.64 19.87
C ASN B 474 -3.86 -9.30 20.70
N LEU B 475 -4.47 -8.55 21.61
CA LEU B 475 -5.53 -9.08 22.46
C LEU B 475 -6.87 -8.64 21.92
N GLY B 476 -6.82 -7.83 20.86
CA GLY B 476 -8.05 -7.33 20.22
C GLY B 476 -8.99 -6.70 21.22
N TYR B 477 -10.17 -7.23 21.37
CA TYR B 477 -11.11 -6.57 22.25
C TYR B 477 -11.55 -7.36 23.49
N ILE B 478 -10.84 -8.43 23.83
CA ILE B 478 -11.15 -9.25 25.01
C ILE B 478 -10.93 -8.54 26.33
N CYS B 479 -10.37 -7.33 26.30
CA CYS B 479 -10.24 -6.55 27.52
C CYS B 479 -10.41 -5.05 27.29
N ARG B 480 -10.37 -4.27 28.38
CA ARG B 480 -10.65 -2.83 28.41
C ARG B 480 -9.77 -2.14 29.43
N TYR B 481 -9.36 -0.91 29.09
CA TYR B 481 -8.34 -0.16 29.84
C TYR B 481 -8.77 1.20 30.31
N GLY B 482 -9.91 1.63 29.80
CA GLY B 482 -10.28 3.04 29.86
C GLY B 482 -11.10 3.51 31.03
N ILE B 483 -11.24 4.83 31.09
CA ILE B 483 -12.09 5.47 32.06
C ILE B 483 -13.42 5.84 31.38
N ILE B 484 -13.48 5.67 30.07
CA ILE B 484 -14.77 5.79 29.39
C ILE B 484 -15.11 4.48 28.70
N HIS B 485 -16.20 3.88 29.11
CA HIS B 485 -16.68 2.63 28.52
C HIS B 485 -17.03 2.82 27.05
N VAL B 486 -16.59 1.88 26.23
CA VAL B 486 -17.00 1.96 24.84
C VAL B 486 -17.57 0.60 24.47
N ASP B 487 -18.77 0.61 23.90
CA ASP B 487 -19.36 -0.61 23.40
C ASP B 487 -18.73 -0.93 22.04
N TYR B 488 -17.87 -1.96 22.01
CA TYR B 488 -17.11 -2.32 20.79
C TYR B 488 -17.98 -2.62 19.56
N LYS B 489 -19.26 -2.95 19.76
CA LYS B 489 -20.19 -2.99 18.64
C LYS B 489 -20.76 -1.59 18.29
N SER B 490 -21.57 -1.01 19.17
CA SER B 490 -22.33 0.20 18.80
C SER B 490 -21.48 1.46 18.72
N PHE B 491 -20.29 1.40 19.33
CA PHE B 491 -19.41 2.56 19.52
C PHE B 491 -19.93 3.55 20.55
N GLU B 492 -21.07 3.23 21.18
CA GLU B 492 -21.64 4.10 22.21
C GLU B 492 -20.65 4.25 23.36
N ARG B 493 -20.65 5.41 24.03
CA ARG B 493 -19.63 5.72 25.05
C ARG B 493 -20.25 6.20 26.35
N TYR B 494 -20.06 5.43 27.43
CA TYR B 494 -20.59 5.86 28.71
C TYR B 494 -19.43 5.95 29.67
N PRO B 495 -19.33 7.03 30.46
CA PRO B 495 -18.24 7.24 31.46
C PRO B 495 -18.26 6.28 32.67
N LYS B 496 -17.12 5.65 32.91
CA LYS B 496 -16.92 4.81 34.10
C LYS B 496 -16.87 5.65 35.39
N GLU B 497 -17.10 5.01 36.53
CA GLU B 497 -16.93 5.70 37.80
C GLU B 497 -15.53 6.35 37.86
N SER B 498 -14.49 5.59 37.50
CA SER B 498 -13.13 6.13 37.37
C SER B 498 -13.10 7.52 36.71
N ALA B 499 -13.73 7.66 35.54
CA ALA B 499 -13.78 8.96 34.87
C ALA B 499 -14.27 10.03 35.82
N ILE B 500 -15.39 9.75 36.49
CA ILE B 500 -16.02 10.66 37.44
C ILE B 500 -15.08 11.01 38.59
N TRP B 501 -14.45 9.96 39.15
CA TRP B 501 -13.48 10.15 40.22
C TRP B 501 -12.52 11.19 39.70
N TYR B 502 -12.02 10.94 38.49
CA TYR B 502 -10.95 11.73 37.90
C TYR B 502 -11.43 13.14 37.66
N LYS B 503 -12.69 13.29 37.26
CA LYS B 503 -13.24 14.63 37.02
C LYS B 503 -13.13 15.49 38.26
N ASN B 504 -13.50 14.90 39.41
CA ASN B 504 -13.44 15.57 40.69
C ASN B 504 -12.00 15.83 41.11
N PHE B 505 -11.14 14.83 40.94
CA PHE B 505 -9.76 14.96 41.33
C PHE B 505 -9.02 16.05 40.51
N ILE B 506 -9.19 16.08 39.21
CA ILE B 506 -8.54 17.11 38.41
C ILE B 506 -8.87 18.54 38.93
N ALA B 507 -9.96 18.67 39.71
CA ALA B 507 -10.53 19.99 40.04
C ALA B 507 -10.37 20.49 41.53
N GLY B 508 -9.15 20.35 42.10
CA GLY B 508 -8.89 20.59 43.53
C GLY B 508 -8.93 22.02 44.08
#